data_4PJJ
#
_entry.id   4PJJ
#
_cell.length_a   73.010
_cell.length_b   109.240
_cell.length_c   180.360
_cell.angle_alpha   90.00
_cell.angle_beta   90.00
_cell.angle_gamma   90.00
#
_symmetry.space_group_name_H-M   'P 21 21 21'
#
loop_
_entity.id
_entity.type
_entity.pdbx_description
1 polymer 'Unconventional myosin-VI'
2 polymer Calmodulin
3 non-polymer "ADENOSINE-5'-DIPHOSPHATE"
4 non-polymer 'MAGNESIUM ION'
5 non-polymer 'PHOSPHATE ION'
6 non-polymer GLYCEROL
7 non-polymer 'CALCIUM ION'
8 water water
#
loop_
_entity_poly.entity_id
_entity_poly.type
_entity_poly.pdbx_seq_one_letter_code
_entity_poly.pdbx_strand_id
1 'polypeptide(L)'
;EDGKPVWAPHPTDGFQVGNIVDIGPDSLTIEPLNQKGKTFLALINQVFPAEEDSKKDVEDNCSLMYLNEATLLHNIKVRY
SKDRIYTYVANILIAVNPYFDIPKIYSSETIKSYQGKSLGTMPPHVFAIADKAFRDMKVLKLSQSIIVSGESGAGKTENT
KFVLRYLTESYGTGQDIDDRIVEANPLLEAFGNAKTVRNNNSSRFGKFVEIHFNEKSSVVGGFVSHYLLEKSRICVQGKE
ERNYHIFYRLCAGASEDIRERLHLSSPDNFRYLNRGGSLKDPLLDDHGDFIRMCTAMKKIGLDDEEKLDLFRVVAGVLHL
GNIDFEEAGSTSGGCNLKNKSTQALEYCAELLGLDQDDLRVSLTTMVMLTTAGGAKGTVIKVPLKVEQANNARDALAKTV
YSHLFDHVVNRVNQCFPFETSSYFIGVLDIAGFEYFEHNSFEQFCINYCNEKLQQFFNERILKEEQELYQKEGLGVNEVH
YVDNQDCIDLIEARLVGILDILDEENRLPQPSDQHFTSAVHQKHKDHFRLSIPRKSKLAIHRNIRDDEGFIIRHFAGAVC
YETTQFVEKNNDALHMSLESLICESRDKFIRELFESSTNNNKDTKQKAGKLSFISVGNKFKTQLNLLLDKLRSTGASFIR
CIKPNLKMTSHHFEGAQILSQLQCSGMVSVLDLMQGGFPSRASFHELYNMYKKYMPDKLARLDPRLFCKALFKALGLNEI
DYKFGLTKVFFRPGKFAEFDQIMKSDPDHLAELVKRVNHWLICSRWKKVQWCSLSVIKLKNKIKYRAE
;
A
2 'polypeptide(L)'
;MADQLTEEQIAEFKEAFSLFDKDGDGTITTKELGTVMRSLGQNPTEAELQDMINEVDADGNGTIDFPEFLTMMARKMKDT
DSEEEIREAFRVFDKDGNGFISAAELRHVMTNLGEKLTDEEVDEMIRESDIDGDGQVNYEEFVTMMTSK
;
B
#
# COMPACT_ATOMS: atom_id res chain seq x y z
N GLY A 3 -13.94 -35.30 -9.01
CA GLY A 3 -13.13 -34.46 -8.13
C GLY A 3 -12.33 -33.41 -8.88
N LYS A 4 -12.63 -32.13 -8.62
CA LYS A 4 -11.92 -31.03 -9.26
C LYS A 4 -10.53 -30.85 -8.62
N PRO A 5 -9.47 -30.49 -9.40
CA PRO A 5 -8.15 -30.31 -8.81
C PRO A 5 -8.13 -29.17 -7.80
N VAL A 6 -7.27 -29.27 -6.79
CA VAL A 6 -7.14 -28.30 -5.70
C VAL A 6 -5.66 -27.89 -5.54
N TRP A 7 -5.41 -26.85 -4.74
CA TRP A 7 -4.07 -26.43 -4.38
C TRP A 7 -3.71 -27.10 -3.05
N ALA A 8 -2.58 -27.83 -3.02
CA ALA A 8 -2.07 -28.48 -1.80
C ALA A 8 -0.63 -27.99 -1.55
N PRO A 9 -0.10 -28.02 -0.29
CA PRO A 9 1.30 -27.55 -0.06
C PRO A 9 2.39 -28.25 -0.89
N HIS A 10 3.44 -27.47 -1.22
CA HIS A 10 4.62 -27.87 -1.96
C HIS A 10 5.81 -27.17 -1.26
N PRO A 11 6.85 -27.93 -0.89
CA PRO A 11 7.94 -27.32 -0.10
C PRO A 11 8.70 -26.22 -0.81
N THR A 12 8.76 -26.19 -2.15
CA THR A 12 9.51 -25.11 -2.82
C THR A 12 8.60 -24.20 -3.64
N ASP A 13 7.45 -24.71 -4.09
CA ASP A 13 6.51 -23.90 -4.86
C ASP A 13 5.44 -23.25 -4.01
N GLY A 14 5.37 -23.60 -2.73
CA GLY A 14 4.31 -23.03 -1.88
C GLY A 14 3.09 -23.90 -2.01
N PHE A 15 2.53 -23.98 -3.23
CA PHE A 15 1.40 -24.86 -3.54
C PHE A 15 1.63 -25.57 -4.84
N GLN A 16 0.96 -26.69 -5.01
CA GLN A 16 0.98 -27.49 -6.23
C GLN A 16 -0.44 -27.95 -6.47
N VAL A 17 -0.73 -28.37 -7.69
CA VAL A 17 -2.01 -28.91 -8.07
C VAL A 17 -2.05 -30.40 -7.75
N GLY A 18 -3.17 -30.81 -7.20
CA GLY A 18 -3.41 -32.20 -6.90
C GLY A 18 -4.88 -32.53 -6.83
N ASN A 19 -5.16 -33.78 -6.51
CA ASN A 19 -6.52 -34.27 -6.33
C ASN A 19 -6.60 -34.91 -4.99
N ILE A 20 -7.69 -34.65 -4.27
CA ILE A 20 -7.97 -35.25 -2.98
C ILE A 20 -8.37 -36.67 -3.29
N VAL A 21 -7.54 -37.65 -2.90
CA VAL A 21 -7.81 -39.07 -3.15
C VAL A 21 -8.43 -39.74 -1.93
N ASP A 22 -8.44 -39.06 -0.77
CA ASP A 22 -9.02 -39.56 0.48
C ASP A 22 -9.17 -38.46 1.50
N ILE A 23 -10.28 -38.51 2.24
CA ILE A 23 -10.63 -37.52 3.28
C ILE A 23 -10.57 -38.20 4.64
N GLY A 24 -9.99 -37.52 5.60
CA GLY A 24 -9.87 -37.99 6.97
C GLY A 24 -10.28 -36.89 7.93
N PRO A 25 -10.48 -37.21 9.23
CA PRO A 25 -10.91 -36.18 10.20
C PRO A 25 -10.01 -34.94 10.34
N ASP A 26 -8.70 -35.13 10.16
CA ASP A 26 -7.73 -34.05 10.31
C ASP A 26 -7.01 -33.66 9.02
N SER A 27 -6.64 -34.64 8.20
N SER A 27 -6.63 -34.66 8.21
CA SER A 27 -5.89 -34.43 6.97
CA SER A 27 -5.87 -34.47 6.98
C SER A 27 -6.53 -35.06 5.73
C SER A 27 -6.51 -35.08 5.73
N LEU A 28 -6.09 -34.59 4.55
CA LEU A 28 -6.53 -35.09 3.25
C LEU A 28 -5.34 -35.76 2.58
N THR A 29 -5.61 -36.79 1.79
CA THR A 29 -4.60 -37.52 1.02
C THR A 29 -4.58 -36.93 -0.36
N ILE A 30 -3.44 -36.33 -0.72
CA ILE A 30 -3.25 -35.66 -2.02
C ILE A 30 -2.41 -36.47 -2.96
N GLU A 31 -2.87 -36.57 -4.21
CA GLU A 31 -2.14 -37.16 -5.31
C GLU A 31 -1.65 -35.97 -6.16
N PRO A 32 -0.32 -35.68 -6.20
CA PRO A 32 0.17 -34.57 -7.04
C PRO A 32 -0.17 -34.81 -8.50
N LEU A 33 -0.50 -33.75 -9.23
CA LEU A 33 -0.88 -33.88 -10.64
C LEU A 33 0.19 -34.62 -11.46
N ASN A 34 -0.28 -35.63 -12.23
CA ASN A 34 0.45 -36.50 -13.16
C ASN A 34 1.52 -37.40 -12.49
N GLN A 35 1.42 -37.56 -11.16
CA GLN A 35 2.28 -38.45 -10.38
C GLN A 35 1.34 -39.45 -9.72
N LYS A 36 0.71 -40.32 -10.56
CA LYS A 36 -0.18 -41.40 -10.13
C LYS A 36 0.61 -42.32 -9.18
N GLY A 37 -0.03 -42.71 -8.09
CA GLY A 37 0.59 -43.56 -7.07
C GLY A 37 1.29 -42.81 -5.95
N LYS A 38 1.77 -41.58 -6.24
CA LYS A 38 2.44 -40.75 -5.25
C LYS A 38 1.37 -40.08 -4.42
N THR A 39 1.54 -40.05 -3.09
CA THR A 39 0.59 -39.42 -2.19
C THR A 39 1.30 -38.71 -1.06
N PHE A 40 0.64 -37.70 -0.51
CA PHE A 40 1.15 -37.02 0.66
C PHE A 40 -0.05 -36.52 1.46
N LEU A 41 0.14 -36.30 2.76
CA LEU A 41 -0.89 -35.77 3.62
C LEU A 41 -0.78 -34.27 3.74
N ALA A 42 -1.93 -33.60 3.86
CA ALA A 42 -2.00 -32.16 4.09
C ALA A 42 -3.13 -31.88 5.06
N LEU A 43 -2.96 -30.94 6.00
CA LEU A 43 -4.07 -30.58 6.91
C LEU A 43 -5.21 -29.99 6.06
N ILE A 44 -6.48 -30.30 6.42
CA ILE A 44 -7.67 -29.80 5.69
C ILE A 44 -7.61 -28.28 5.45
N ASN A 45 -7.06 -27.50 6.40
CA ASN A 45 -6.99 -26.03 6.32
C ASN A 45 -5.84 -25.51 5.41
N GLN A 46 -5.02 -26.44 4.86
CA GLN A 46 -3.87 -26.16 4.00
C GLN A 46 -4.17 -26.56 2.57
N VAL A 47 -5.39 -27.06 2.30
CA VAL A 47 -5.82 -27.45 0.96
C VAL A 47 -6.87 -26.43 0.55
N PHE A 48 -6.72 -25.87 -0.65
CA PHE A 48 -7.58 -24.81 -1.15
C PHE A 48 -8.19 -25.08 -2.50
N PRO A 49 -9.43 -24.57 -2.76
CA PRO A 49 -10.01 -24.70 -4.11
C PRO A 49 -9.20 -23.86 -5.11
N ALA A 50 -9.15 -24.32 -6.36
CA ALA A 50 -8.40 -23.66 -7.41
C ALA A 50 -9.35 -23.08 -8.48
N GLU A 51 -8.89 -22.02 -9.19
CA GLU A 51 -9.66 -21.44 -10.30
C GLU A 51 -9.61 -22.47 -11.44
N GLU A 52 -10.76 -22.75 -12.06
CA GLU A 52 -10.88 -23.71 -13.18
C GLU A 52 -9.91 -23.36 -14.33
N ASP A 53 -9.76 -22.05 -14.60
CA ASP A 53 -8.88 -21.54 -15.65
C ASP A 53 -7.53 -21.18 -15.03
N SER A 54 -6.54 -22.04 -15.28
CA SER A 54 -5.17 -21.85 -14.76
C SER A 54 -4.37 -20.84 -15.57
N LYS A 55 -4.91 -20.35 -16.71
CA LYS A 55 -4.20 -19.41 -17.58
C LYS A 55 -4.70 -17.97 -17.43
N LYS A 56 -5.90 -17.81 -16.88
CA LYS A 56 -6.46 -16.48 -16.67
C LYS A 56 -5.66 -15.72 -15.59
N ASP A 57 -5.75 -14.39 -15.64
CA ASP A 57 -5.14 -13.52 -14.65
C ASP A 57 -6.03 -12.34 -14.43
N VAL A 58 -6.18 -11.95 -13.17
CA VAL A 58 -7.04 -10.82 -12.82
C VAL A 58 -6.22 -9.72 -12.18
N GLU A 59 -6.62 -8.48 -12.44
CA GLU A 59 -6.01 -7.25 -11.91
C GLU A 59 -6.30 -7.08 -10.42
N ASP A 60 -7.45 -7.55 -10.00
CA ASP A 60 -7.89 -7.52 -8.61
C ASP A 60 -8.18 -8.95 -8.23
N ASN A 61 -7.53 -9.44 -7.17
CA ASN A 61 -7.74 -10.79 -6.67
C ASN A 61 -9.17 -11.03 -6.16
N CYS A 62 -9.92 -9.95 -5.95
CA CYS A 62 -11.34 -10.03 -5.58
C CYS A 62 -12.22 -10.53 -6.74
N SER A 63 -11.69 -10.55 -7.98
CA SER A 63 -12.37 -11.09 -9.19
C SER A 63 -12.21 -12.62 -9.30
N LEU A 64 -11.43 -13.25 -8.41
CA LEU A 64 -11.26 -14.71 -8.41
C LEU A 64 -12.53 -15.38 -7.87
N MET A 65 -12.80 -16.63 -8.26
CA MET A 65 -13.94 -17.35 -7.70
C MET A 65 -13.64 -17.83 -6.30
N TYR A 66 -12.35 -18.00 -5.99
CA TYR A 66 -11.90 -18.40 -4.66
C TYR A 66 -10.72 -17.53 -4.30
N LEU A 67 -10.88 -16.70 -3.31
CA LEU A 67 -9.79 -15.84 -2.87
C LEU A 67 -9.14 -16.47 -1.62
N ASN A 68 -7.95 -17.02 -1.80
CA ASN A 68 -7.17 -17.67 -0.74
C ASN A 68 -5.70 -17.49 -1.02
N GLU A 69 -4.84 -17.94 -0.12
CA GLU A 69 -3.40 -17.74 -0.26
C GLU A 69 -2.81 -18.47 -1.49
N ALA A 70 -3.44 -19.59 -1.87
CA ALA A 70 -3.00 -20.37 -3.01
C ALA A 70 -3.40 -19.74 -4.36
N THR A 71 -4.66 -19.23 -4.48
CA THR A 71 -5.15 -18.60 -5.71
C THR A 71 -4.51 -17.24 -5.91
N LEU A 72 -4.18 -16.55 -4.81
CA LEU A 72 -3.49 -15.27 -4.81
C LEU A 72 -2.07 -15.51 -5.35
N LEU A 73 -1.34 -16.50 -4.75
CA LEU A 73 0.01 -16.87 -5.17
C LEU A 73 0.05 -17.21 -6.66
N HIS A 74 -0.93 -18.02 -7.12
CA HIS A 74 -0.99 -18.40 -8.51
C HIS A 74 -1.25 -17.20 -9.42
N ASN A 75 -2.18 -16.35 -9.03
CA ASN A 75 -2.53 -15.17 -9.82
C ASN A 75 -1.39 -14.20 -9.99
N ILE A 76 -0.67 -13.88 -8.89
CA ILE A 76 0.45 -12.94 -8.96
C ILE A 76 1.62 -13.58 -9.75
N LYS A 77 1.73 -14.93 -9.74
CA LYS A 77 2.73 -15.69 -10.50
C LYS A 77 2.48 -15.56 -12.00
N VAL A 78 1.23 -15.76 -12.45
CA VAL A 78 0.84 -15.66 -13.87
C VAL A 78 1.14 -14.26 -14.37
N ARG A 79 0.77 -13.23 -13.60
CA ARG A 79 0.98 -11.81 -13.88
C ARG A 79 2.47 -11.48 -13.93
N TYR A 80 3.26 -12.00 -12.97
CA TYR A 80 4.71 -11.79 -12.90
C TYR A 80 5.46 -12.30 -14.16
N SER A 81 5.05 -13.48 -14.67
CA SER A 81 5.66 -14.08 -15.87
C SER A 81 5.44 -13.21 -17.13
N LYS A 82 4.39 -12.33 -17.10
CA LYS A 82 4.00 -11.40 -18.17
C LYS A 82 4.47 -9.96 -17.86
N ASP A 83 5.32 -9.79 -16.81
CA ASP A 83 5.87 -8.48 -16.39
C ASP A 83 4.81 -7.55 -15.83
N ARG A 84 3.76 -8.13 -15.25
CA ARG A 84 2.67 -7.40 -14.57
C ARG A 84 2.96 -7.59 -13.08
N ILE A 85 3.83 -6.72 -12.57
CA ILE A 85 4.31 -6.78 -11.20
C ILE A 85 3.35 -6.21 -10.16
N TYR A 86 2.35 -5.46 -10.61
CA TYR A 86 1.35 -4.85 -9.74
C TYR A 86 0.00 -5.53 -9.85
N THR A 87 -0.58 -5.91 -8.72
CA THR A 87 -1.92 -6.54 -8.63
C THR A 87 -2.59 -5.99 -7.39
N TYR A 88 -3.94 -5.87 -7.39
CA TYR A 88 -4.69 -5.46 -6.19
C TYR A 88 -5.30 -6.63 -5.44
N VAL A 89 -5.63 -6.35 -4.16
CA VAL A 89 -6.47 -7.15 -3.27
C VAL A 89 -7.36 -6.04 -2.72
N ALA A 90 -8.45 -5.75 -3.45
CA ALA A 90 -9.34 -4.60 -3.21
C ALA A 90 -8.45 -3.32 -3.34
N ASN A 91 -8.16 -2.61 -2.26
CA ASN A 91 -7.33 -1.41 -2.37
C ASN A 91 -5.86 -1.61 -2.07
N ILE A 92 -5.48 -2.82 -1.62
CA ILE A 92 -4.10 -3.12 -1.28
C ILE A 92 -3.37 -3.39 -2.57
N LEU A 93 -2.15 -2.85 -2.71
CA LEU A 93 -1.31 -3.11 -3.88
C LEU A 93 -0.22 -4.13 -3.54
N ILE A 94 -0.11 -5.19 -4.33
CA ILE A 94 0.96 -6.17 -4.19
C ILE A 94 1.95 -5.81 -5.30
N ALA A 95 3.26 -5.66 -4.96
CA ALA A 95 4.28 -5.26 -5.94
C ALA A 95 5.43 -6.25 -5.92
N VAL A 96 5.61 -6.99 -7.02
CA VAL A 96 6.67 -7.99 -7.08
C VAL A 96 7.89 -7.40 -7.76
N ASN A 97 9.03 -7.35 -7.06
CA ASN A 97 10.27 -6.80 -7.63
C ASN A 97 10.65 -7.51 -8.95
N PRO A 98 10.69 -6.82 -10.11
CA PRO A 98 11.03 -7.55 -11.36
C PRO A 98 12.52 -7.82 -11.55
N TYR A 99 13.40 -7.03 -10.86
CA TYR A 99 14.86 -7.09 -10.96
C TYR A 99 15.39 -6.76 -12.38
N PHE A 100 14.66 -5.92 -13.10
CA PHE A 100 15.05 -5.38 -14.41
C PHE A 100 14.11 -4.23 -14.70
N ASP A 101 14.52 -3.34 -15.61
CA ASP A 101 13.71 -2.18 -15.96
C ASP A 101 12.64 -2.52 -16.96
N ILE A 102 11.39 -2.61 -16.49
CA ILE A 102 10.24 -2.89 -17.35
C ILE A 102 9.98 -1.63 -18.19
N PRO A 103 9.85 -1.77 -19.53
CA PRO A 103 9.61 -0.57 -20.34
C PRO A 103 8.20 -0.01 -20.18
N LYS A 104 8.07 1.31 -20.48
CA LYS A 104 6.86 2.14 -20.53
C LYS A 104 6.21 2.51 -19.22
N ILE A 105 6.13 1.56 -18.26
CA ILE A 105 5.34 1.69 -17.03
C ILE A 105 5.82 2.76 -16.05
N TYR A 106 7.04 3.32 -16.21
CA TYR A 106 7.45 4.39 -15.30
C TYR A 106 7.66 5.71 -16.00
N SER A 107 7.27 5.79 -17.27
CA SER A 107 7.45 7.00 -18.08
C SER A 107 6.53 8.13 -17.63
N SER A 108 6.92 9.38 -17.94
CA SER A 108 6.17 10.60 -17.66
C SER A 108 4.80 10.57 -18.36
N GLU A 109 4.73 9.90 -19.53
CA GLU A 109 3.51 9.72 -20.30
C GLU A 109 2.57 8.77 -19.56
N THR A 110 3.09 7.70 -18.93
CA THR A 110 2.31 6.78 -18.10
C THR A 110 1.83 7.53 -16.85
N ILE A 111 2.67 8.39 -16.25
CA ILE A 111 2.28 9.21 -15.10
C ILE A 111 1.03 10.01 -15.47
N LYS A 112 1.03 10.63 -16.65
CA LYS A 112 -0.11 11.42 -17.13
C LYS A 112 -1.39 10.60 -17.26
N SER A 113 -1.29 9.38 -17.78
CA SER A 113 -2.41 8.47 -18.00
C SER A 113 -3.10 8.01 -16.70
N TYR A 114 -2.44 8.20 -15.54
CA TYR A 114 -2.96 7.81 -14.24
C TYR A 114 -3.63 8.95 -13.48
N GLN A 115 -3.42 10.18 -13.92
CA GLN A 115 -3.94 11.39 -13.28
C GLN A 115 -5.48 11.43 -13.22
N GLY A 116 -6.01 11.64 -12.02
CA GLY A 116 -7.44 11.69 -11.73
C GLY A 116 -8.20 10.38 -11.91
N LYS A 117 -7.51 9.26 -12.21
CA LYS A 117 -8.22 8.00 -12.42
C LYS A 117 -8.43 7.19 -11.16
N SER A 118 -9.64 6.66 -10.98
CA SER A 118 -9.98 5.82 -9.82
C SER A 118 -9.34 4.44 -9.95
N LEU A 119 -9.12 3.74 -8.81
CA LEU A 119 -8.55 2.39 -8.82
C LEU A 119 -9.48 1.51 -9.61
N GLY A 120 -8.90 0.68 -10.47
CA GLY A 120 -9.67 -0.24 -11.29
C GLY A 120 -9.94 0.27 -12.69
N THR A 121 -9.84 1.58 -12.92
CA THR A 121 -10.07 2.18 -14.25
C THR A 121 -8.77 2.13 -15.09
N MET A 122 -7.65 1.75 -14.46
CA MET A 122 -6.36 1.62 -15.14
C MET A 122 -5.70 0.34 -14.60
N PRO A 123 -4.73 -0.24 -15.31
CA PRO A 123 -4.03 -1.41 -14.74
C PRO A 123 -3.45 -1.11 -13.33
N PRO A 124 -3.36 -2.12 -12.42
CA PRO A 124 -2.80 -1.85 -11.08
C PRO A 124 -1.41 -1.23 -11.17
N HIS A 125 -1.18 -0.24 -10.34
CA HIS A 125 0.09 0.50 -10.38
C HIS A 125 0.29 1.26 -9.09
N VAL A 126 1.57 1.52 -8.75
CA VAL A 126 2.00 2.35 -7.61
C VAL A 126 1.46 3.80 -7.83
N PHE A 127 1.37 4.24 -9.11
CA PHE A 127 0.86 5.56 -9.53
C PHE A 127 -0.59 5.76 -9.15
N ALA A 128 -1.38 4.70 -9.20
CA ALA A 128 -2.81 4.70 -8.86
C ALA A 128 -3.00 4.90 -7.37
N ILE A 129 -2.12 4.29 -6.53
CA ILE A 129 -2.14 4.43 -5.07
C ILE A 129 -1.76 5.84 -4.70
N ALA A 130 -0.67 6.39 -5.32
CA ALA A 130 -0.23 7.78 -5.13
C ALA A 130 -1.33 8.76 -5.57
N ASP A 131 -2.02 8.50 -6.71
CA ASP A 131 -3.13 9.35 -7.19
C ASP A 131 -4.30 9.36 -6.21
N LYS A 132 -4.69 8.17 -5.70
CA LYS A 132 -5.78 8.02 -4.71
C LYS A 132 -5.46 8.82 -3.43
N ALA A 133 -4.19 8.83 -2.97
CA ALA A 133 -3.79 9.60 -1.79
C ALA A 133 -3.98 11.11 -2.06
N PHE A 134 -3.62 11.58 -3.28
CA PHE A 134 -3.82 13.00 -3.61
C PHE A 134 -5.30 13.37 -3.65
N ARG A 135 -6.09 12.61 -4.41
CA ARG A 135 -7.53 12.85 -4.57
C ARG A 135 -8.22 12.78 -3.22
N ASP A 136 -7.88 11.79 -2.37
CA ASP A 136 -8.53 11.69 -1.06
C ASP A 136 -8.14 12.82 -0.16
N MET A 137 -6.88 13.24 -0.22
CA MET A 137 -6.43 14.38 0.59
C MET A 137 -7.18 15.64 0.23
N LYS A 138 -7.29 15.92 -1.07
CA LYS A 138 -7.95 17.12 -1.62
C LYS A 138 -9.48 17.11 -1.37
N VAL A 139 -10.17 16.00 -1.73
CA VAL A 139 -11.61 15.84 -1.61
C VAL A 139 -12.10 15.64 -0.16
N LEU A 140 -11.45 14.73 0.60
CA LEU A 140 -11.82 14.47 1.99
C LEU A 140 -11.20 15.44 2.97
N LYS A 141 -10.24 16.28 2.52
CA LYS A 141 -9.58 17.28 3.39
C LYS A 141 -8.97 16.58 4.62
N LEU A 142 -8.18 15.57 4.34
CA LEU A 142 -7.59 14.71 5.32
C LEU A 142 -6.20 14.28 4.86
N SER A 143 -5.21 14.38 5.75
CA SER A 143 -3.86 13.91 5.46
C SER A 143 -3.85 12.41 5.08
N GLN A 144 -2.89 12.00 4.24
CA GLN A 144 -2.80 10.62 3.74
C GLN A 144 -1.48 9.93 4.02
N SER A 145 -1.54 8.61 4.13
CA SER A 145 -0.34 7.82 4.35
C SER A 145 -0.32 6.63 3.43
N ILE A 146 0.88 6.33 2.92
CA ILE A 146 1.12 5.19 2.06
C ILE A 146 2.15 4.35 2.78
N ILE A 147 1.75 3.17 3.25
CA ILE A 147 2.63 2.26 3.99
C ILE A 147 3.14 1.18 3.06
N VAL A 148 4.47 1.20 2.85
CA VAL A 148 5.22 0.32 1.92
C VAL A 148 6.03 -0.68 2.74
N SER A 149 5.63 -1.94 2.75
CA SER A 149 6.28 -2.98 3.56
C SER A 149 6.99 -3.99 2.70
N GLY A 150 7.81 -4.83 3.33
CA GLY A 150 8.52 -5.91 2.66
C GLY A 150 9.88 -6.17 3.23
N GLU A 151 10.47 -7.34 2.84
CA GLU A 151 11.80 -7.78 3.24
C GLU A 151 12.86 -6.94 2.56
N SER A 152 14.13 -7.11 2.95
CA SER A 152 15.21 -6.38 2.32
C SER A 152 15.31 -6.84 0.87
N GLY A 153 15.32 -5.90 -0.06
CA GLY A 153 15.38 -6.18 -1.50
C GLY A 153 14.03 -6.35 -2.18
N ALA A 154 12.91 -6.22 -1.43
CA ALA A 154 11.57 -6.35 -1.99
C ALA A 154 11.15 -5.20 -2.92
N GLY A 155 11.75 -4.02 -2.77
CA GLY A 155 11.45 -2.87 -3.63
C GLY A 155 10.73 -1.70 -2.96
N LYS A 156 10.81 -1.61 -1.64
CA LYS A 156 10.17 -0.54 -0.87
C LYS A 156 10.72 0.84 -1.21
N THR A 157 12.07 0.93 -1.34
CA THR A 157 12.74 2.19 -1.64
C THR A 157 12.42 2.62 -3.08
N GLU A 158 12.38 1.67 -4.04
CA GLU A 158 12.01 1.98 -5.42
C GLU A 158 10.58 2.48 -5.52
N ASN A 159 9.63 1.77 -4.94
CA ASN A 159 8.23 2.18 -4.96
C ASN A 159 7.97 3.51 -4.22
N THR A 160 8.71 3.81 -3.12
CA THR A 160 8.61 5.11 -2.43
C THR A 160 9.05 6.20 -3.41
N LYS A 161 10.13 5.94 -4.15
CA LYS A 161 10.67 6.86 -5.14
C LYS A 161 9.64 7.08 -6.30
N PHE A 162 8.93 6.01 -6.76
CA PHE A 162 7.90 6.10 -7.81
C PHE A 162 6.72 6.97 -7.36
N VAL A 163 6.35 6.87 -6.08
CA VAL A 163 5.29 7.65 -5.45
C VAL A 163 5.67 9.12 -5.49
N LEU A 164 6.92 9.46 -5.04
CA LEU A 164 7.35 10.86 -5.01
C LEU A 164 7.54 11.45 -6.39
N ARG A 165 7.96 10.66 -7.40
CA ARG A 165 8.09 11.20 -8.76
C ARG A 165 6.66 11.43 -9.32
N TYR A 166 5.75 10.46 -9.09
CA TYR A 166 4.37 10.60 -9.51
C TYR A 166 3.70 11.87 -8.94
N LEU A 167 3.77 12.06 -7.62
CA LEU A 167 3.15 13.19 -6.95
C LEU A 167 3.71 14.54 -7.40
N THR A 168 5.05 14.65 -7.51
CA THR A 168 5.68 15.92 -7.89
C THR A 168 5.41 16.28 -9.34
N GLU A 169 5.48 15.32 -10.27
CA GLU A 169 5.21 15.55 -11.70
C GLU A 169 3.76 15.89 -11.98
N SER A 170 2.83 15.33 -11.21
CA SER A 170 1.40 15.48 -11.39
C SER A 170 0.85 16.67 -10.64
N TYR A 171 1.21 16.83 -9.35
CA TYR A 171 0.60 17.83 -8.49
C TYR A 171 1.57 18.81 -7.88
N GLY A 172 2.82 18.75 -8.30
CA GLY A 172 3.88 19.64 -7.83
C GLY A 172 3.75 21.03 -8.41
N THR A 173 4.61 21.93 -7.95
CA THR A 173 4.63 23.36 -8.32
C THR A 173 5.24 23.67 -9.68
N GLY A 174 6.12 22.79 -10.17
CA GLY A 174 6.88 23.02 -11.40
C GLY A 174 8.15 23.80 -11.10
N GLN A 175 8.33 24.21 -9.82
CA GLN A 175 9.49 24.95 -9.28
C GLN A 175 10.55 23.97 -8.71
N ASP A 176 11.67 24.48 -8.16
CA ASP A 176 12.77 23.64 -7.66
C ASP A 176 12.43 22.81 -6.40
N ILE A 177 11.33 23.13 -5.69
CA ILE A 177 10.90 22.36 -4.52
C ILE A 177 10.59 20.91 -4.94
N ASP A 178 10.01 20.75 -6.16
CA ASP A 178 9.68 19.48 -6.83
C ASP A 178 10.95 18.65 -6.96
N ASP A 179 12.07 19.28 -7.40
CA ASP A 179 13.38 18.64 -7.57
C ASP A 179 13.98 18.30 -6.22
N ARG A 180 13.77 19.19 -5.22
CA ARG A 180 14.29 18.98 -3.86
C ARG A 180 13.63 17.79 -3.20
N ILE A 181 12.30 17.61 -3.41
CA ILE A 181 11.58 16.46 -2.87
C ILE A 181 12.15 15.16 -3.46
N VAL A 182 12.40 15.13 -4.79
CA VAL A 182 12.90 13.91 -5.44
C VAL A 182 14.42 13.69 -5.21
N GLU A 183 15.17 14.73 -4.86
CA GLU A 183 16.61 14.60 -4.59
C GLU A 183 16.90 14.35 -3.10
N ALA A 184 15.89 14.47 -2.25
CA ALA A 184 16.07 14.31 -0.81
C ALA A 184 16.57 12.91 -0.43
N ASN A 185 15.83 11.85 -0.78
CA ASN A 185 16.15 10.46 -0.43
C ASN A 185 17.43 9.94 -1.09
N PRO A 186 17.74 10.19 -2.39
CA PRO A 186 19.02 9.75 -2.95
C PRO A 186 20.22 10.35 -2.23
N LEU A 187 20.05 11.58 -1.71
CA LEU A 187 21.09 12.19 -0.91
C LEU A 187 21.27 11.46 0.45
N LEU A 188 20.16 11.10 1.12
CA LEU A 188 20.18 10.37 2.41
C LEU A 188 20.71 8.95 2.23
N GLU A 189 20.49 8.37 1.02
CA GLU A 189 20.95 7.04 0.61
C GLU A 189 22.48 6.94 0.60
N ALA A 190 23.18 8.06 0.36
CA ALA A 190 24.65 8.07 0.38
C ALA A 190 25.16 7.75 1.80
N PHE A 191 24.50 8.35 2.82
CA PHE A 191 24.85 8.24 4.23
C PHE A 191 24.16 7.11 5.01
N GLY A 192 22.96 6.70 4.58
CA GLY A 192 22.18 5.67 5.26
C GLY A 192 22.00 4.36 4.53
N ASN A 193 22.52 4.24 3.29
CA ASN A 193 22.39 3.00 2.52
C ASN A 193 23.73 2.29 2.37
N ALA A 194 23.68 0.96 2.23
CA ALA A 194 24.85 0.12 2.11
C ALA A 194 24.60 -1.13 1.30
N LYS A 195 25.67 -1.68 0.69
CA LYS A 195 25.63 -2.94 -0.04
C LYS A 195 25.63 -4.09 0.96
N THR A 196 24.54 -4.88 0.97
CA THR A 196 24.43 -6.08 1.80
C THR A 196 24.30 -7.32 0.88
N VAL A 197 24.25 -8.52 1.47
CA VAL A 197 24.07 -9.76 0.72
C VAL A 197 22.68 -9.78 0.04
N ARG A 198 21.67 -9.20 0.71
CA ARG A 198 20.32 -9.17 0.20
C ARG A 198 19.96 -8.00 -0.74
N ASN A 199 20.67 -6.88 -0.64
CA ASN A 199 20.39 -5.69 -1.43
C ASN A 199 21.64 -4.82 -1.54
N ASN A 200 22.04 -4.53 -2.77
CA ASN A 200 23.20 -3.69 -3.11
C ASN A 200 23.00 -2.23 -2.71
N ASN A 201 21.73 -1.83 -2.52
CA ASN A 201 21.37 -0.50 -2.10
C ASN A 201 20.39 -0.61 -0.92
N SER A 202 20.79 -1.35 0.13
CA SER A 202 19.95 -1.57 1.31
C SER A 202 19.82 -0.31 2.20
N SER A 203 18.58 -0.02 2.66
CA SER A 203 18.30 1.08 3.57
C SER A 203 18.66 0.63 4.96
N ARG A 204 19.61 1.29 5.59
CA ARG A 204 20.01 0.87 6.94
C ARG A 204 19.32 1.73 7.98
N PHE A 205 18.21 2.36 7.59
CA PHE A 205 17.39 3.22 8.43
C PHE A 205 15.97 3.20 7.91
N GLY A 206 15.01 3.47 8.78
CA GLY A 206 13.62 3.59 8.41
C GLY A 206 13.29 5.05 8.14
N LYS A 207 12.29 5.28 7.28
CA LYS A 207 11.89 6.66 7.00
C LYS A 207 10.39 6.86 6.77
N PHE A 208 9.93 8.04 7.17
CA PHE A 208 8.59 8.56 6.91
C PHE A 208 8.81 9.87 6.12
N VAL A 209 8.44 9.85 4.83
CA VAL A 209 8.63 10.99 3.91
C VAL A 209 7.28 11.70 3.72
N GLU A 210 7.22 12.97 4.12
CA GLU A 210 5.99 13.76 4.03
C GLU A 210 6.09 14.87 3.05
N ILE A 211 5.09 14.99 2.19
CA ILE A 211 4.95 16.12 1.27
C ILE A 211 3.80 16.92 1.87
N HIS A 212 4.08 18.17 2.24
CA HIS A 212 3.10 19.07 2.84
C HIS A 212 2.45 19.95 1.81
N PHE A 213 1.13 20.18 1.99
CA PHE A 213 0.24 20.93 1.10
C PHE A 213 -0.55 22.01 1.82
N ASN A 214 -0.89 23.07 1.10
CA ASN A 214 -1.72 24.13 1.67
C ASN A 214 -3.22 23.83 1.41
N GLU A 215 -4.12 24.73 1.88
CA GLU A 215 -5.59 24.66 1.71
C GLU A 215 -6.02 24.34 0.26
N LYS A 216 -5.24 24.83 -0.74
CA LYS A 216 -5.49 24.66 -2.18
C LYS A 216 -4.83 23.39 -2.77
N SER A 217 -4.36 22.44 -1.91
CA SER A 217 -3.70 21.18 -2.31
C SER A 217 -2.44 21.45 -3.20
N SER A 218 -1.73 22.54 -2.88
CA SER A 218 -0.51 23.00 -3.51
C SER A 218 0.69 22.72 -2.55
N VAL A 219 1.82 22.21 -3.10
CA VAL A 219 3.05 21.85 -2.37
C VAL A 219 3.71 23.05 -1.72
N VAL A 220 3.94 22.97 -0.41
CA VAL A 220 4.56 24.04 0.38
C VAL A 220 5.87 23.61 1.03
N GLY A 221 6.13 22.31 1.07
CA GLY A 221 7.33 21.76 1.68
C GLY A 221 7.23 20.27 1.91
N GLY A 222 8.23 19.76 2.58
CA GLY A 222 8.33 18.35 2.90
C GLY A 222 9.02 18.16 4.23
N PHE A 223 8.91 16.95 4.76
CA PHE A 223 9.54 16.57 6.01
C PHE A 223 9.95 15.09 6.02
N VAL A 224 11.17 14.81 6.49
CA VAL A 224 11.68 13.46 6.61
C VAL A 224 12.00 13.12 8.06
N SER A 225 11.45 11.98 8.53
CA SER A 225 11.70 11.37 9.83
C SER A 225 12.52 10.13 9.54
N HIS A 226 13.60 9.90 10.32
CA HIS A 226 14.50 8.74 10.20
C HIS A 226 14.51 7.90 11.50
N TYR A 227 14.58 6.58 11.36
CA TYR A 227 14.52 5.63 12.47
C TYR A 227 15.61 4.58 12.39
N LEU A 228 16.17 4.24 13.54
CA LEU A 228 17.12 3.16 13.75
C LEU A 228 18.24 3.02 12.72
N LEU A 229 19.10 4.04 12.58
CA LEU A 229 20.27 3.87 11.71
C LEU A 229 21.12 2.74 12.31
N GLU A 230 21.54 1.81 11.48
CA GLU A 230 22.36 0.68 11.90
C GLU A 230 23.79 1.15 12.24
N LYS A 231 24.06 1.35 13.52
CA LYS A 231 25.35 1.86 13.97
C LYS A 231 26.49 0.87 13.86
N SER A 232 26.21 -0.46 13.98
CA SER A 232 27.25 -1.50 13.91
C SER A 232 28.07 -1.50 12.62
N ARG A 233 27.38 -1.21 11.49
CA ARG A 233 27.92 -1.15 10.13
C ARG A 233 29.09 -0.14 9.97
N ILE A 234 29.09 0.93 10.77
CA ILE A 234 30.10 1.98 10.72
C ILE A 234 31.52 1.41 10.90
N CYS A 235 31.66 0.41 11.78
CA CYS A 235 32.96 -0.18 12.10
C CYS A 235 33.20 -1.55 11.54
N VAL A 236 32.17 -2.40 11.56
CA VAL A 236 32.26 -3.80 11.16
C VAL A 236 31.15 -4.17 10.20
N GLN A 237 31.49 -4.95 9.17
CA GLN A 237 30.54 -5.46 8.18
C GLN A 237 30.92 -6.88 7.80
N GLY A 238 29.91 -7.73 7.60
CA GLY A 238 30.10 -9.13 7.23
C GLY A 238 30.79 -9.26 5.89
N LYS A 239 31.30 -10.47 5.57
CA LYS A 239 31.93 -10.69 4.26
C LYS A 239 30.81 -10.52 3.22
N GLU A 240 31.19 -10.03 2.02
CA GLU A 240 30.25 -9.78 0.92
C GLU A 240 29.43 -8.50 1.16
N GLU A 241 29.71 -7.78 2.28
CA GLU A 241 29.02 -6.54 2.65
C GLU A 241 29.95 -5.33 2.68
N ARG A 242 29.36 -4.13 2.64
CA ARG A 242 30.12 -2.89 2.69
C ARG A 242 29.60 -2.00 3.78
N ASN A 243 30.31 -0.93 4.03
CA ASN A 243 29.94 0.13 4.94
C ASN A 243 29.04 1.09 4.09
N TYR A 244 28.59 2.24 4.67
CA TYR A 244 27.77 3.23 3.98
C TYR A 244 28.42 3.74 2.69
N HIS A 245 27.61 3.91 1.64
CA HIS A 245 28.03 4.32 0.29
C HIS A 245 28.99 5.47 0.25
N ILE A 246 28.72 6.53 1.04
CA ILE A 246 29.48 7.76 1.11
C ILE A 246 31.01 7.50 1.14
N PHE A 247 31.49 6.57 2.00
CA PHE A 247 32.92 6.26 2.11
C PHE A 247 33.56 5.92 0.76
N TYR A 248 33.00 4.93 0.04
CA TYR A 248 33.45 4.46 -1.28
C TYR A 248 33.27 5.53 -2.34
N ARG A 249 32.17 6.30 -2.30
CA ARG A 249 31.89 7.38 -3.24
C ARG A 249 32.92 8.50 -3.11
N LEU A 250 33.23 8.90 -1.86
CA LEU A 250 34.20 9.94 -1.60
C LEU A 250 35.59 9.51 -2.01
N CYS A 251 35.96 8.26 -1.69
CA CYS A 251 37.26 7.69 -2.08
C CYS A 251 37.38 7.55 -3.61
N ALA A 252 36.30 7.19 -4.30
CA ALA A 252 36.31 7.01 -5.76
C ALA A 252 36.29 8.33 -6.58
N GLY A 253 35.39 9.26 -6.26
CA GLY A 253 35.17 10.48 -7.03
C GLY A 253 35.78 11.81 -6.62
N ALA A 254 36.32 11.92 -5.39
CA ALA A 254 36.91 13.19 -4.92
C ALA A 254 38.03 13.68 -5.83
N SER A 255 38.09 15.00 -6.05
CA SER A 255 39.11 15.69 -6.85
C SER A 255 40.52 15.51 -6.22
N GLU A 256 41.59 15.83 -6.97
CA GLU A 256 42.98 15.75 -6.48
C GLU A 256 43.17 16.59 -5.21
N ASP A 257 42.50 17.76 -5.15
CA ASP A 257 42.49 18.72 -4.05
C ASP A 257 41.86 18.11 -2.79
N ILE A 258 40.57 17.68 -2.88
CA ILE A 258 39.80 17.04 -1.79
C ILE A 258 40.57 15.83 -1.22
N ARG A 259 41.06 14.94 -2.11
CA ARG A 259 41.84 13.74 -1.80
C ARG A 259 43.09 14.04 -0.96
N GLU A 260 43.79 15.16 -1.27
CA GLU A 260 44.99 15.61 -0.57
C GLU A 260 44.65 16.20 0.82
N ARG A 261 43.68 17.15 0.87
CA ARG A 261 43.22 17.80 2.10
C ARG A 261 42.67 16.78 3.13
N LEU A 262 41.93 15.77 2.65
CA LEU A 262 41.31 14.73 3.48
C LEU A 262 42.17 13.48 3.68
N HIS A 263 43.35 13.43 3.03
CA HIS A 263 44.33 12.35 3.10
C HIS A 263 43.71 10.98 2.71
N LEU A 264 42.84 11.02 1.70
CA LEU A 264 42.13 9.84 1.20
C LEU A 264 42.94 9.04 0.21
N SER A 265 42.71 7.73 0.21
CA SER A 265 43.34 6.72 -0.62
C SER A 265 42.23 5.73 -1.02
N SER A 266 42.59 4.57 -1.59
CA SER A 266 41.60 3.56 -1.97
C SER A 266 40.97 2.88 -0.71
N PRO A 267 39.69 2.40 -0.78
CA PRO A 267 39.05 1.75 0.39
C PRO A 267 39.82 0.59 1.03
N ASP A 268 40.75 -0.02 0.26
CA ASP A 268 41.60 -1.12 0.72
C ASP A 268 42.49 -0.71 1.90
N ASN A 269 42.80 0.60 2.04
CA ASN A 269 43.67 1.15 3.08
C ASN A 269 42.93 1.61 4.37
N PHE A 270 41.66 1.24 4.55
CA PHE A 270 40.90 1.63 5.75
C PHE A 270 40.22 0.44 6.38
N ARG A 271 40.50 0.21 7.69
CA ARG A 271 39.97 -0.88 8.49
C ARG A 271 38.45 -0.94 8.44
N TYR A 272 37.77 0.21 8.60
CA TYR A 272 36.32 0.30 8.60
C TYR A 272 35.67 0.00 7.23
N LEU A 273 36.49 -0.20 6.16
CA LEU A 273 36.02 -0.41 4.80
C LEU A 273 36.30 -1.81 4.23
N ASN A 274 35.32 -2.32 3.43
CA ASN A 274 35.30 -3.62 2.75
C ASN A 274 34.59 -3.47 1.40
N PRO A 282 33.48 -4.18 -9.35
CA PRO A 282 32.11 -4.73 -9.28
C PRO A 282 31.10 -3.96 -10.15
N LEU A 283 29.78 -4.23 -9.96
CA LEU A 283 28.69 -3.56 -10.69
C LEU A 283 28.16 -2.30 -9.95
N LEU A 284 28.91 -1.82 -8.92
CA LEU A 284 28.56 -0.62 -8.15
C LEU A 284 29.44 0.54 -8.60
N ASP A 285 28.83 1.48 -9.35
CA ASP A 285 29.49 2.64 -9.93
C ASP A 285 29.70 3.77 -8.91
N ASP A 286 30.72 3.59 -8.04
CA ASP A 286 31.05 4.52 -6.96
C ASP A 286 31.43 5.90 -7.45
N HIS A 287 32.13 5.94 -8.59
CA HIS A 287 32.59 7.17 -9.24
C HIS A 287 31.40 7.99 -9.75
N GLY A 288 30.53 7.35 -10.54
CA GLY A 288 29.35 7.97 -11.13
C GLY A 288 28.32 8.39 -10.10
N ASP A 289 28.18 7.59 -9.03
CA ASP A 289 27.29 7.86 -7.90
C ASP A 289 27.78 9.07 -7.08
N PHE A 290 29.11 9.32 -7.01
CA PHE A 290 29.64 10.52 -6.35
C PHE A 290 29.20 11.76 -7.16
N ILE A 291 29.21 11.67 -8.51
CA ILE A 291 28.81 12.74 -9.43
C ILE A 291 27.32 13.08 -9.21
N ARG A 292 26.46 12.05 -9.18
CA ARG A 292 25.02 12.22 -8.92
C ARG A 292 24.74 12.81 -7.53
N MET A 293 25.52 12.40 -6.50
CA MET A 293 25.38 12.90 -5.13
C MET A 293 25.69 14.41 -5.05
N CYS A 294 26.73 14.85 -5.72
CA CYS A 294 27.12 16.27 -5.77
C CYS A 294 26.05 17.13 -6.48
N THR A 295 25.44 16.58 -7.54
CA THR A 295 24.35 17.20 -8.29
C THR A 295 23.14 17.34 -7.33
N ALA A 296 22.80 16.26 -6.58
CA ALA A 296 21.72 16.29 -5.60
C ALA A 296 22.01 17.36 -4.52
N MET A 297 23.27 17.43 -4.04
CA MET A 297 23.70 18.40 -3.05
C MET A 297 23.49 19.84 -3.52
N LYS A 298 23.89 20.16 -4.77
CA LYS A 298 23.70 21.48 -5.36
C LYS A 298 22.20 21.77 -5.59
N LYS A 299 21.44 20.77 -6.04
CA LYS A 299 20.00 20.91 -6.27
C LYS A 299 19.22 21.24 -4.99
N ILE A 300 19.55 20.59 -3.84
CA ILE A 300 18.88 20.87 -2.57
C ILE A 300 19.44 22.15 -1.87
N GLY A 301 20.54 22.71 -2.41
CA GLY A 301 21.11 23.96 -1.92
C GLY A 301 22.29 23.87 -0.96
N LEU A 302 23.03 22.76 -0.99
CA LEU A 302 24.23 22.60 -0.15
C LEU A 302 25.39 23.35 -0.80
N ASP A 303 25.98 24.31 -0.06
CA ASP A 303 27.14 25.05 -0.60
C ASP A 303 28.40 24.19 -0.56
N ASP A 304 29.46 24.62 -1.27
CA ASP A 304 30.71 23.85 -1.34
C ASP A 304 31.39 23.71 0.03
N GLU A 305 31.20 24.70 0.92
CA GLU A 305 31.74 24.69 2.28
C GLU A 305 31.10 23.56 3.09
N GLU A 306 29.74 23.49 3.07
CA GLU A 306 28.95 22.46 3.75
C GLU A 306 29.34 21.08 3.23
N LYS A 307 29.43 20.93 1.90
CA LYS A 307 29.86 19.69 1.22
C LYS A 307 31.20 19.21 1.79
N LEU A 308 32.19 20.11 1.91
CA LEU A 308 33.51 19.80 2.46
C LEU A 308 33.47 19.47 3.95
N ASP A 309 32.61 20.17 4.72
CA ASP A 309 32.44 19.90 6.17
C ASP A 309 31.96 18.47 6.41
N LEU A 310 30.99 17.99 5.60
CA LEU A 310 30.44 16.64 5.68
C LEU A 310 31.53 15.62 5.40
N PHE A 311 32.26 15.82 4.29
CA PHE A 311 33.36 15.00 3.79
C PHE A 311 34.49 14.87 4.80
N ARG A 312 34.83 15.98 5.49
CA ARG A 312 35.88 16.04 6.51
C ARG A 312 35.55 15.10 7.65
N VAL A 313 34.27 15.10 8.08
CA VAL A 313 33.77 14.23 9.14
C VAL A 313 33.82 12.77 8.67
N VAL A 314 33.38 12.49 7.44
CA VAL A 314 33.41 11.13 6.84
C VAL A 314 34.89 10.61 6.81
N ALA A 315 35.84 11.48 6.36
CA ALA A 315 37.28 11.17 6.30
C ALA A 315 37.88 11.05 7.71
N GLY A 316 37.39 11.85 8.64
CA GLY A 316 37.80 11.86 10.04
C GLY A 316 37.54 10.53 10.70
N VAL A 317 36.31 10.00 10.48
CA VAL A 317 35.82 8.70 10.96
C VAL A 317 36.69 7.57 10.36
N LEU A 318 36.99 7.64 9.04
CA LEU A 318 37.83 6.68 8.33
C LEU A 318 39.22 6.57 8.95
N HIS A 319 39.84 7.73 9.27
CA HIS A 319 41.18 7.75 9.86
C HIS A 319 41.16 7.26 11.29
N LEU A 320 40.08 7.54 12.05
CA LEU A 320 39.89 7.07 13.44
C LEU A 320 39.93 5.53 13.48
N GLY A 321 39.33 4.89 12.48
CA GLY A 321 39.28 3.45 12.33
C GLY A 321 40.61 2.77 12.05
N ASN A 322 41.61 3.54 11.59
CA ASN A 322 42.96 3.06 11.30
C ASN A 322 43.89 3.14 12.51
N ILE A 323 43.39 3.59 13.67
CA ILE A 323 44.17 3.69 14.89
C ILE A 323 44.17 2.32 15.57
N ASP A 324 45.33 1.64 15.56
CA ASP A 324 45.56 0.32 16.15
C ASP A 324 46.32 0.43 17.49
N PHE A 325 46.08 -0.53 18.39
CA PHE A 325 46.68 -0.57 19.72
C PHE A 325 47.46 -1.85 20.00
N GLU A 326 48.29 -1.82 21.08
CA GLU A 326 49.12 -2.95 21.55
C GLU A 326 49.44 -2.82 23.06
N GLU A 327 49.57 -3.98 23.74
CA GLU A 327 49.88 -4.06 25.18
C GLU A 327 51.34 -3.67 25.47
N CYS A 335 47.49 -0.30 27.64
CA CYS A 335 47.94 -0.41 26.25
C CYS A 335 48.43 0.93 25.67
N ASN A 336 49.01 0.89 24.45
CA ASN A 336 49.52 2.04 23.69
C ASN A 336 49.27 1.93 22.16
N LEU A 337 49.29 3.07 21.45
CA LEU A 337 49.11 3.14 20.00
C LEU A 337 50.28 2.47 19.27
N LYS A 338 49.98 1.63 18.26
CA LYS A 338 50.98 0.94 17.43
C LYS A 338 51.71 2.00 16.60
N ASN A 339 53.02 1.81 16.36
CA ASN A 339 53.86 2.74 15.59
C ASN A 339 53.29 3.13 14.22
N LYS A 340 52.69 2.15 13.50
CA LYS A 340 52.07 2.34 12.19
C LYS A 340 50.83 3.25 12.21
N SER A 341 50.20 3.42 13.40
CA SER A 341 48.98 4.22 13.62
C SER A 341 49.22 5.69 13.95
N THR A 342 50.48 6.16 13.88
CA THR A 342 50.87 7.55 14.15
C THR A 342 50.30 8.52 13.12
N GLN A 343 50.37 8.15 11.82
CA GLN A 343 49.84 8.96 10.71
C GLN A 343 48.30 9.03 10.76
N ALA A 344 47.62 7.93 11.21
CA ALA A 344 46.16 7.83 11.36
C ALA A 344 45.62 8.76 12.45
N LEU A 345 46.30 8.82 13.62
CA LEU A 345 45.95 9.70 14.75
C LEU A 345 46.09 11.18 14.34
N GLU A 346 47.17 11.51 13.61
CA GLU A 346 47.47 12.86 13.12
C GLU A 346 46.40 13.31 12.12
N TYR A 347 46.05 12.43 11.16
CA TYR A 347 45.03 12.70 10.14
C TYR A 347 43.65 12.84 10.77
N CYS A 348 43.34 12.01 11.79
CA CYS A 348 42.08 12.03 12.52
C CYS A 348 41.91 13.31 13.34
N ALA A 349 42.94 13.69 14.12
CA ALA A 349 42.94 14.89 14.96
C ALA A 349 42.73 16.16 14.14
N GLU A 350 43.44 16.26 12.99
CA GLU A 350 43.36 17.38 12.06
C GLU A 350 41.94 17.56 11.49
N LEU A 351 41.34 16.47 10.99
CA LEU A 351 40.01 16.48 10.38
C LEU A 351 38.88 16.64 11.40
N LEU A 352 39.11 16.21 12.66
CA LEU A 352 38.09 16.32 13.71
C LEU A 352 38.32 17.53 14.65
N GLY A 353 39.37 18.31 14.38
CA GLY A 353 39.72 19.50 15.15
C GLY A 353 40.07 19.23 16.59
N LEU A 354 40.74 18.10 16.86
CA LEU A 354 41.14 17.71 18.21
C LEU A 354 42.66 17.77 18.30
N ASP A 355 43.21 17.78 19.52
CA ASP A 355 44.66 17.74 19.73
C ASP A 355 45.07 16.26 19.81
N GLN A 356 46.10 15.88 19.00
CA GLN A 356 46.65 14.53 18.88
C GLN A 356 46.81 13.80 20.21
N ASP A 357 47.32 14.50 21.24
CA ASP A 357 47.55 13.92 22.56
C ASP A 357 46.27 13.71 23.35
N ASP A 358 45.34 14.70 23.32
CA ASP A 358 44.04 14.59 24.01
C ASP A 358 43.23 13.37 23.54
N LEU A 359 43.27 13.11 22.21
CA LEU A 359 42.60 11.98 21.56
C LEU A 359 43.29 10.67 21.97
N ARG A 360 44.64 10.63 21.95
CA ARG A 360 45.51 9.52 22.35
C ARG A 360 45.22 9.10 23.80
N VAL A 361 45.05 10.10 24.69
CA VAL A 361 44.72 9.87 26.11
C VAL A 361 43.35 9.21 26.22
N SER A 362 42.30 9.86 25.63
CA SER A 362 40.90 9.42 25.59
C SER A 362 40.68 8.00 25.07
N LEU A 363 41.47 7.59 24.07
CA LEU A 363 41.35 6.26 23.49
C LEU A 363 41.94 5.15 24.39
N THR A 364 42.63 5.51 25.50
CA THR A 364 43.24 4.55 26.44
C THR A 364 43.15 5.04 27.92
N THR A 365 42.07 5.74 28.32
CA THR A 365 41.97 6.24 29.70
C THR A 365 40.56 6.10 30.34
N MET A 366 40.52 6.06 31.68
CA MET A 366 39.33 5.98 32.53
C MET A 366 39.56 6.83 33.79
N VAL A 382 41.97 3.50 35.31
CA VAL A 382 42.57 4.52 34.45
C VAL A 382 43.13 3.86 33.16
N PRO A 383 44.15 2.95 33.15
CA PRO A 383 44.61 2.39 31.87
C PRO A 383 43.61 1.40 31.24
N LEU A 384 43.60 1.33 29.90
CA LEU A 384 42.70 0.44 29.15
C LEU A 384 43.47 -0.59 28.37
N LYS A 385 42.93 -1.83 28.30
CA LYS A 385 43.50 -2.94 27.54
C LYS A 385 43.23 -2.70 26.03
N VAL A 386 43.87 -3.48 25.14
CA VAL A 386 43.72 -3.32 23.69
C VAL A 386 42.22 -3.34 23.24
N GLU A 387 41.43 -4.29 23.77
CA GLU A 387 40.01 -4.45 23.44
C GLU A 387 39.15 -3.26 23.87
N GLN A 388 39.37 -2.76 25.10
CA GLN A 388 38.66 -1.60 25.66
C GLN A 388 38.99 -0.32 24.87
N ALA A 389 40.24 -0.22 24.38
CA ALA A 389 40.73 0.88 23.55
C ALA A 389 40.00 0.87 22.20
N ASN A 390 39.86 -0.33 21.57
CA ASN A 390 39.14 -0.52 20.30
C ASN A 390 37.67 -0.05 20.43
N ASN A 391 37.00 -0.47 21.53
CA ASN A 391 35.61 -0.12 21.86
C ASN A 391 35.43 1.37 22.00
N ALA A 392 36.41 2.07 22.58
CA ALA A 392 36.37 3.53 22.75
C ALA A 392 36.50 4.20 21.37
N ARG A 393 37.41 3.69 20.51
CA ARG A 393 37.62 4.17 19.15
C ARG A 393 36.33 3.98 18.31
N ASP A 394 35.75 2.76 18.36
CA ASP A 394 34.53 2.37 17.68
C ASP A 394 33.29 3.12 18.16
N ALA A 395 33.18 3.36 19.49
CA ALA A 395 32.06 4.12 20.12
C ALA A 395 32.06 5.59 19.69
N LEU A 396 33.26 6.19 19.62
CA LEU A 396 33.47 7.57 19.17
C LEU A 396 33.11 7.68 17.68
N ALA A 397 33.55 6.69 16.86
CA ALA A 397 33.26 6.61 15.42
C ALA A 397 31.75 6.52 15.15
N LYS A 398 31.07 5.57 15.83
CA LYS A 398 29.62 5.34 15.71
C LYS A 398 28.82 6.59 16.11
N THR A 399 29.18 7.24 17.22
CA THR A 399 28.52 8.46 17.72
C THR A 399 28.72 9.61 16.75
N VAL A 400 29.96 9.81 16.27
CA VAL A 400 30.23 10.86 15.32
C VAL A 400 29.40 10.65 14.04
N TYR A 401 29.52 9.48 13.39
CA TYR A 401 28.78 9.17 12.17
C TYR A 401 27.27 9.33 12.35
N SER A 402 26.71 8.82 13.46
CA SER A 402 25.28 8.94 13.74
C SER A 402 24.83 10.40 13.84
N HIS A 403 25.62 11.25 14.51
CA HIS A 403 25.32 12.67 14.64
C HIS A 403 25.33 13.39 13.30
N LEU A 404 26.27 13.00 12.43
CA LEU A 404 26.39 13.50 11.05
C LEU A 404 25.15 13.09 10.24
N PHE A 405 24.68 11.83 10.39
CA PHE A 405 23.48 11.38 9.70
C PHE A 405 22.23 12.17 10.16
N ASP A 406 22.11 12.46 11.48
CA ASP A 406 21.03 13.30 12.03
C ASP A 406 21.08 14.68 11.41
N HIS A 407 22.31 15.26 11.30
CA HIS A 407 22.58 16.56 10.69
C HIS A 407 22.15 16.55 9.23
N VAL A 408 22.53 15.51 8.45
CA VAL A 408 22.15 15.38 7.04
C VAL A 408 20.63 15.38 6.88
N VAL A 409 19.92 14.56 7.67
CA VAL A 409 18.46 14.51 7.62
C VAL A 409 17.87 15.88 7.91
N ASN A 410 18.35 16.56 8.97
CA ASN A 410 17.88 17.90 9.34
C ASN A 410 18.22 18.95 8.28
N ARG A 411 19.37 18.79 7.63
CA ARG A 411 19.81 19.70 6.57
C ARG A 411 18.91 19.57 5.34
N VAL A 412 18.50 18.32 5.03
CA VAL A 412 17.56 18.01 3.96
C VAL A 412 16.19 18.66 4.31
N ASN A 413 15.78 18.55 5.57
CA ASN A 413 14.53 19.16 6.04
C ASN A 413 14.52 20.68 5.90
N GLN A 414 15.69 21.31 6.05
CA GLN A 414 15.88 22.74 5.90
C GLN A 414 15.79 23.20 4.44
N CYS A 415 15.85 22.28 3.47
CA CYS A 415 15.84 22.65 2.06
C CYS A 415 14.42 22.86 1.52
N PHE A 416 13.41 22.31 2.19
CA PHE A 416 11.99 22.46 1.84
C PHE A 416 11.14 22.73 3.12
N PRO A 417 11.48 23.81 3.90
CA PRO A 417 10.70 24.08 5.11
C PRO A 417 9.38 24.80 4.80
N PHE A 418 8.48 24.82 5.80
CA PHE A 418 7.19 25.49 5.71
C PHE A 418 6.81 25.96 7.12
N GLU A 419 6.19 27.14 7.22
CA GLU A 419 5.75 27.72 8.49
C GLU A 419 4.46 27.01 8.93
N THR A 420 3.57 26.76 7.94
CA THR A 420 2.25 26.14 8.12
C THR A 420 1.90 25.29 6.90
N SER A 421 0.96 24.34 7.09
CA SER A 421 0.44 23.46 6.05
C SER A 421 -0.96 23.00 6.48
N SER A 422 -1.76 22.55 5.54
CA SER A 422 -3.12 22.08 5.82
C SER A 422 -3.13 20.55 5.92
N TYR A 423 -2.43 19.85 4.99
CA TYR A 423 -2.36 18.40 4.98
C TYR A 423 -1.04 17.91 4.43
N PHE A 424 -0.77 16.63 4.62
CA PHE A 424 0.41 16.00 4.05
C PHE A 424 0.04 14.66 3.44
N ILE A 425 0.92 14.19 2.55
CA ILE A 425 0.93 12.85 2.01
C ILE A 425 2.26 12.32 2.51
N GLY A 426 2.19 11.27 3.27
CA GLY A 426 3.35 10.63 3.86
C GLY A 426 3.55 9.23 3.34
N VAL A 427 4.82 8.89 3.07
CA VAL A 427 5.18 7.56 2.60
C VAL A 427 6.06 6.93 3.65
N LEU A 428 5.62 5.78 4.14
CA LEU A 428 6.42 5.06 5.13
C LEU A 428 7.16 3.88 4.49
N ASP A 429 8.48 3.91 4.63
CA ASP A 429 9.38 2.91 4.09
C ASP A 429 10.27 2.41 5.26
N ILE A 430 9.91 1.26 5.83
CA ILE A 430 10.67 0.65 6.93
C ILE A 430 10.72 -0.87 6.74
N ALA A 431 11.80 -1.51 7.18
CA ALA A 431 12.02 -2.98 7.09
C ALA A 431 10.87 -3.73 7.78
N GLY A 432 10.37 -4.78 7.13
CA GLY A 432 9.28 -5.60 7.67
C GLY A 432 9.80 -6.74 8.51
N PHE A 433 8.85 -7.56 9.02
CA PHE A 433 9.14 -8.77 9.80
C PHE A 433 9.94 -9.74 8.90
N GLU A 434 11.08 -10.24 9.35
CA GLU A 434 11.96 -11.07 8.51
C GLU A 434 12.68 -12.22 9.25
N TYR A 435 13.32 -13.17 8.47
CA TYR A 435 14.07 -14.35 8.98
C TYR A 435 15.58 -14.12 9.10
N PHE A 436 16.12 -14.53 10.27
CA PHE A 436 17.54 -14.53 10.61
C PHE A 436 17.79 -15.77 11.46
N GLU A 437 19.01 -16.34 11.38
CA GLU A 437 19.34 -17.52 12.20
C GLU A 437 19.62 -17.06 13.64
N HIS A 438 20.17 -15.85 13.77
CA HIS A 438 20.46 -15.18 15.03
C HIS A 438 19.70 -13.84 15.08
N ASN A 439 18.71 -13.76 15.95
CA ASN A 439 17.93 -12.53 16.14
C ASN A 439 18.42 -11.86 17.42
N SER A 440 18.92 -10.63 17.25
CA SER A 440 19.47 -9.81 18.30
C SER A 440 18.61 -8.56 18.56
N PHE A 441 19.14 -7.54 19.28
CA PHE A 441 18.41 -6.33 19.67
C PHE A 441 17.87 -5.54 18.47
N GLU A 442 18.60 -5.52 17.34
CA GLU A 442 18.17 -4.81 16.13
C GLU A 442 16.90 -5.43 15.53
N GLN A 443 16.81 -6.77 15.50
CA GLN A 443 15.63 -7.49 14.98
C GLN A 443 14.47 -7.28 15.95
N PHE A 444 14.75 -7.28 17.25
CA PHE A 444 13.75 -7.03 18.29
C PHE A 444 13.02 -5.67 18.06
N CYS A 445 13.79 -4.58 17.79
CA CYS A 445 13.24 -3.25 17.52
C CYS A 445 12.41 -3.21 16.25
N ILE A 446 12.94 -3.81 15.17
CA ILE A 446 12.24 -3.89 13.88
C ILE A 446 10.95 -4.68 14.02
N ASN A 447 10.99 -5.83 14.72
CA ASN A 447 9.80 -6.68 14.92
C ASN A 447 8.76 -6.05 15.83
N TYR A 448 9.22 -5.23 16.80
CA TYR A 448 8.34 -4.45 17.65
C TYR A 448 7.62 -3.42 16.77
N CYS A 449 8.36 -2.72 15.92
CA CYS A 449 7.79 -1.77 14.96
C CYS A 449 6.69 -2.38 14.12
N ASN A 450 6.98 -3.55 13.50
CA ASN A 450 6.05 -4.22 12.64
C ASN A 450 4.84 -4.80 13.35
N GLU A 451 4.95 -5.07 14.63
CA GLU A 451 3.84 -5.53 15.44
C GLU A 451 2.80 -4.38 15.56
N LYS A 452 3.29 -3.13 15.72
CA LYS A 452 2.45 -1.95 15.85
C LYS A 452 1.84 -1.56 14.49
N LEU A 453 2.63 -1.65 13.39
CA LEU A 453 2.18 -1.38 12.03
C LEU A 453 1.19 -2.43 11.55
N GLN A 454 1.40 -3.72 11.90
CA GLN A 454 0.41 -4.78 11.59
C GLN A 454 -0.93 -4.53 12.29
N GLN A 455 -0.92 -4.05 13.55
CA GLN A 455 -2.15 -3.73 14.24
C GLN A 455 -2.88 -2.62 13.48
N PHE A 456 -2.11 -1.59 12.99
CA PHE A 456 -2.66 -0.48 12.22
C PHE A 456 -3.30 -0.99 10.93
N PHE A 457 -2.61 -1.90 10.22
CA PHE A 457 -3.06 -2.53 8.98
C PHE A 457 -4.39 -3.30 9.21
N ASN A 458 -4.47 -4.14 10.25
CA ASN A 458 -5.67 -4.87 10.64
C ASN A 458 -6.85 -3.96 10.86
N GLU A 459 -6.67 -2.93 11.70
CA GLU A 459 -7.70 -1.93 12.00
C GLU A 459 -8.22 -1.29 10.73
N ARG A 460 -7.30 -0.92 9.83
CA ARG A 460 -7.64 -0.21 8.60
C ARG A 460 -8.32 -1.10 7.55
N ILE A 461 -7.88 -2.36 7.39
CA ILE A 461 -8.56 -3.29 6.48
C ILE A 461 -9.99 -3.61 7.03
N LEU A 462 -10.15 -3.78 8.35
CA LEU A 462 -11.47 -3.98 8.97
C LEU A 462 -12.42 -2.79 8.72
N LYS A 463 -11.92 -1.55 8.88
CA LYS A 463 -12.65 -0.30 8.64
C LYS A 463 -13.07 -0.22 7.16
N GLU A 464 -12.17 -0.53 6.20
CA GLU A 464 -12.48 -0.53 4.78
C GLU A 464 -13.57 -1.57 4.47
N GLU A 465 -13.50 -2.76 5.11
CA GLU A 465 -14.54 -3.77 4.91
C GLU A 465 -15.91 -3.34 5.44
N GLN A 466 -15.94 -2.68 6.59
CA GLN A 466 -17.16 -2.14 7.18
C GLN A 466 -17.77 -1.03 6.33
N GLU A 467 -16.94 -0.11 5.78
CA GLU A 467 -17.40 0.98 4.91
C GLU A 467 -18.11 0.38 3.71
N LEU A 468 -17.46 -0.60 3.02
CA LEU A 468 -17.99 -1.32 1.86
C LEU A 468 -19.33 -2.02 2.15
N TYR A 469 -19.51 -2.67 3.30
CA TYR A 469 -20.81 -3.32 3.61
C TYR A 469 -21.94 -2.29 3.81
N GLN A 470 -21.60 -1.06 4.26
CA GLN A 470 -22.56 0.02 4.42
C GLN A 470 -22.87 0.59 3.05
N LYS A 471 -21.85 1.10 2.33
CA LYS A 471 -21.94 1.73 1.01
C LYS A 471 -22.68 0.89 -0.02
N GLU A 472 -22.38 -0.44 -0.08
CA GLU A 472 -22.93 -1.38 -1.06
C GLU A 472 -24.19 -2.08 -0.59
N GLY A 473 -24.56 -1.87 0.66
CA GLY A 473 -25.75 -2.44 1.25
C GLY A 473 -25.67 -3.94 1.44
N LEU A 474 -24.52 -4.43 1.93
CA LEU A 474 -24.25 -5.85 2.17
C LEU A 474 -24.73 -6.29 3.55
N GLY A 475 -25.47 -5.40 4.20
CA GLY A 475 -26.02 -5.60 5.54
C GLY A 475 -24.99 -5.49 6.63
N VAL A 476 -25.18 -6.29 7.70
CA VAL A 476 -24.32 -6.32 8.87
C VAL A 476 -23.00 -7.02 8.57
N ASN A 477 -21.89 -6.43 9.07
CA ASN A 477 -20.53 -6.94 8.87
C ASN A 477 -20.26 -8.29 9.58
N GLU A 478 -20.05 -8.25 10.93
CA GLU A 478 -19.74 -9.39 11.82
C GLU A 478 -18.42 -10.12 11.43
N VAL A 479 -17.39 -9.32 11.08
CA VAL A 479 -16.04 -9.78 10.71
C VAL A 479 -15.05 -9.27 11.80
N HIS A 480 -14.06 -10.13 12.20
CA HIS A 480 -13.08 -9.83 13.26
C HIS A 480 -11.71 -10.52 13.13
N TYR A 481 -10.62 -9.79 13.46
CA TYR A 481 -9.23 -10.29 13.46
C TYR A 481 -8.79 -10.53 14.92
N VAL A 482 -7.65 -11.21 15.12
CA VAL A 482 -7.12 -11.43 16.48
C VAL A 482 -6.20 -10.27 16.82
N ASP A 483 -6.52 -9.50 17.89
CA ASP A 483 -5.67 -8.35 18.21
C ASP A 483 -4.36 -8.79 18.85
N ASN A 484 -3.30 -8.06 18.57
CA ASN A 484 -1.96 -8.35 19.05
C ASN A 484 -1.49 -7.31 20.08
N GLN A 485 -2.45 -6.57 20.72
CA GLN A 485 -2.16 -5.60 21.77
C GLN A 485 -1.35 -6.24 22.89
N ASP A 486 -1.64 -7.50 23.24
CA ASP A 486 -0.89 -8.20 24.30
C ASP A 486 0.61 -8.37 23.95
N CYS A 487 0.93 -8.57 22.65
CA CYS A 487 2.30 -8.67 22.18
C CYS A 487 3.01 -7.31 22.28
N ILE A 488 2.32 -6.24 21.88
CA ILE A 488 2.78 -4.85 21.98
C ILE A 488 3.04 -4.47 23.45
N ASP A 489 2.11 -4.84 24.35
CA ASP A 489 2.21 -4.56 25.77
C ASP A 489 3.39 -5.30 26.43
N LEU A 490 3.61 -6.58 26.04
CA LEU A 490 4.73 -7.35 26.54
C LEU A 490 6.04 -6.57 26.26
N ILE A 491 6.14 -6.02 25.07
CA ILE A 491 7.32 -5.24 24.70
C ILE A 491 7.41 -3.85 25.32
N GLU A 492 6.36 -3.04 25.20
CA GLU A 492 6.40 -1.62 25.53
C GLU A 492 5.66 -1.14 26.77
N ALA A 493 4.86 -1.97 27.45
CA ALA A 493 4.13 -1.45 28.60
C ALA A 493 5.08 -0.76 29.57
N ARG A 494 4.63 0.34 30.18
CA ARG A 494 5.43 1.01 31.19
C ARG A 494 5.68 0.08 32.38
N LEU A 495 6.89 0.13 32.90
CA LEU A 495 7.40 -0.58 34.06
C LEU A 495 7.56 -2.07 33.90
N VAL A 496 6.58 -2.73 33.29
CA VAL A 496 6.56 -4.18 33.20
C VAL A 496 7.00 -4.68 31.82
N GLY A 497 6.96 -3.83 30.79
CA GLY A 497 7.38 -4.20 29.44
C GLY A 497 8.84 -4.51 29.34
N ILE A 498 9.26 -5.27 28.29
CA ILE A 498 10.67 -5.64 28.07
C ILE A 498 11.60 -4.41 27.99
N LEU A 499 11.16 -3.39 27.25
CA LEU A 499 11.94 -2.16 27.04
C LEU A 499 12.33 -1.46 28.34
N ASP A 500 11.36 -1.37 29.28
CA ASP A 500 11.57 -0.78 30.60
C ASP A 500 12.40 -1.68 31.50
N ILE A 501 12.21 -3.00 31.42
CA ILE A 501 13.02 -3.96 32.21
C ILE A 501 14.51 -3.91 31.72
N LEU A 502 14.73 -3.73 30.40
CA LEU A 502 16.06 -3.56 29.79
C LEU A 502 16.77 -2.31 30.30
N ASP A 503 16.07 -1.15 30.27
CA ASP A 503 16.55 0.14 30.79
C ASP A 503 16.98 0.04 32.24
N GLU A 504 16.21 -0.69 33.07
CA GLU A 504 16.54 -0.91 34.47
C GLU A 504 17.85 -1.66 34.58
N GLU A 505 18.09 -2.62 33.68
CA GLU A 505 19.34 -3.37 33.66
C GLU A 505 20.57 -2.45 33.40
N ASN A 506 20.42 -1.54 32.43
CA ASN A 506 21.43 -0.56 32.05
C ASN A 506 21.78 0.36 33.20
N ARG A 507 20.84 0.58 34.11
CA ARG A 507 21.02 1.46 35.28
C ARG A 507 21.62 0.79 36.49
N LEU A 508 21.75 -0.53 36.46
CA LEU A 508 22.29 -1.28 37.60
C LEU A 508 23.80 -1.10 37.77
N PRO A 509 24.36 -1.22 38.99
CA PRO A 509 25.83 -1.12 39.16
C PRO A 509 26.63 -2.06 38.24
N GLN A 510 26.20 -3.33 38.14
CA GLN A 510 26.84 -4.35 37.29
C GLN A 510 25.77 -4.89 36.32
N PRO A 511 25.51 -4.19 35.18
CA PRO A 511 24.51 -4.67 34.21
C PRO A 511 24.84 -6.05 33.62
N SER A 512 23.81 -6.90 33.46
CA SER A 512 24.02 -8.25 32.90
C SER A 512 22.86 -8.71 31.99
N ASP A 513 23.19 -9.20 30.79
CA ASP A 513 22.18 -9.69 29.85
C ASP A 513 21.37 -10.85 30.46
N GLN A 514 22.00 -11.67 31.29
CA GLN A 514 21.38 -12.82 31.94
C GLN A 514 20.40 -12.41 32.99
N HIS A 515 20.75 -11.42 33.81
CA HIS A 515 19.91 -10.90 34.88
C HIS A 515 18.67 -10.26 34.26
N PHE A 516 18.87 -9.53 33.15
CA PHE A 516 17.78 -8.93 32.38
C PHE A 516 16.81 -10.01 31.83
N THR A 517 17.35 -11.07 31.18
CA THR A 517 16.53 -12.14 30.58
C THR A 517 15.72 -12.85 31.65
N SER A 518 16.36 -13.15 32.81
CA SER A 518 15.69 -13.75 33.97
C SER A 518 14.55 -12.87 34.44
N ALA A 519 14.76 -11.52 34.54
CA ALA A 519 13.73 -10.58 34.98
C ALA A 519 12.53 -10.59 34.05
N VAL A 520 12.78 -10.73 32.74
CA VAL A 520 11.69 -10.79 31.74
C VAL A 520 10.93 -12.11 31.91
N HIS A 521 11.64 -13.24 32.08
CA HIS A 521 10.99 -14.53 32.28
C HIS A 521 10.16 -14.59 33.56
N GLN A 522 10.68 -14.06 34.67
CA GLN A 522 9.97 -14.00 35.96
C GLN A 522 8.71 -13.14 35.83
N LYS A 523 8.82 -11.95 35.25
CA LYS A 523 7.70 -11.03 35.15
C LYS A 523 6.60 -11.52 34.17
N HIS A 524 6.98 -12.22 33.10
CA HIS A 524 5.98 -12.64 32.13
C HIS A 524 5.85 -14.16 31.95
N LYS A 525 6.15 -14.94 33.01
CA LYS A 525 6.05 -16.41 33.07
C LYS A 525 4.68 -16.97 32.56
N ASP A 526 3.59 -16.27 32.84
CA ASP A 526 2.27 -16.69 32.41
C ASP A 526 1.84 -16.07 31.07
N HIS A 527 2.70 -15.24 30.44
CA HIS A 527 2.34 -14.53 29.23
C HIS A 527 2.19 -15.42 28.01
N PHE A 528 1.03 -15.30 27.37
CA PHE A 528 0.66 -16.05 26.18
C PHE A 528 1.66 -15.86 25.00
N ARG A 529 2.23 -14.64 24.88
CA ARG A 529 3.18 -14.25 23.83
C ARG A 529 4.64 -14.55 24.11
N LEU A 530 4.99 -14.97 25.33
CA LEU A 530 6.39 -15.24 25.69
C LEU A 530 6.62 -16.74 25.95
N SER A 531 7.78 -17.23 25.55
CA SER A 531 8.16 -18.61 25.73
C SER A 531 9.65 -18.67 26.00
N ILE A 532 10.07 -19.77 26.58
CA ILE A 532 11.46 -20.05 26.95
C ILE A 532 12.09 -20.87 25.81
N PRO A 533 13.37 -20.60 25.38
CA PRO A 533 14.00 -21.40 24.29
C PRO A 533 13.92 -22.93 24.45
N ARG A 534 14.09 -23.42 25.69
N ARG A 534 14.08 -23.41 25.70
CA ARG A 534 14.04 -24.83 26.16
CA ARG A 534 13.99 -24.78 26.23
C ARG A 534 12.79 -25.58 25.60
C ARG A 534 12.80 -25.57 25.64
N LYS A 535 11.67 -24.87 25.40
CA LYS A 535 10.39 -25.44 24.95
C LYS A 535 10.23 -25.67 23.45
N SER A 536 11.07 -25.00 22.64
CA SER A 536 11.09 -25.06 21.19
C SER A 536 11.20 -26.49 20.59
N LYS A 537 10.56 -26.69 19.43
CA LYS A 537 10.61 -27.95 18.68
C LYS A 537 11.99 -28.04 17.99
N LEU A 538 12.65 -26.89 17.74
CA LEU A 538 13.97 -26.75 17.13
C LEU A 538 15.11 -26.90 18.13
N ALA A 539 15.99 -27.86 17.87
CA ALA A 539 17.18 -28.19 18.66
C ALA A 539 18.12 -27.00 18.83
N ILE A 540 18.23 -26.17 17.78
CA ILE A 540 19.04 -24.96 17.72
C ILE A 540 18.64 -23.94 18.81
N HIS A 541 17.31 -23.72 19.00
CA HIS A 541 16.75 -22.85 20.04
C HIS A 541 16.84 -23.44 21.43
N ARG A 542 16.60 -24.76 21.58
CA ARG A 542 16.69 -25.50 22.85
C ARG A 542 18.09 -25.45 23.45
N ASN A 543 19.11 -25.21 22.62
CA ASN A 543 20.50 -25.07 23.04
C ASN A 543 20.71 -23.76 23.82
N ILE A 544 19.86 -22.74 23.58
CA ILE A 544 19.92 -21.48 24.30
C ILE A 544 19.42 -21.66 25.75
N ARG A 545 20.24 -21.24 26.74
CA ARG A 545 19.89 -21.27 28.16
C ARG A 545 18.73 -20.29 28.37
N ASP A 546 17.85 -20.55 29.37
CA ASP A 546 16.68 -19.71 29.72
C ASP A 546 17.02 -18.24 29.90
N ASP A 547 18.16 -17.94 30.51
CA ASP A 547 18.64 -16.58 30.77
C ASP A 547 19.49 -16.04 29.60
N GLU A 548 19.48 -16.73 28.44
CA GLU A 548 20.24 -16.31 27.26
C GLU A 548 19.38 -16.01 26.06
N GLY A 549 18.08 -16.16 26.24
CA GLY A 549 17.13 -15.88 25.19
C GLY A 549 15.70 -16.01 25.63
N PHE A 550 14.79 -15.62 24.74
CA PHE A 550 13.36 -15.76 24.92
C PHE A 550 12.74 -15.79 23.55
N ILE A 551 11.55 -16.37 23.49
CA ILE A 551 10.76 -16.46 22.27
C ILE A 551 9.56 -15.52 22.36
N ILE A 552 9.34 -14.66 21.34
CA ILE A 552 8.16 -13.81 21.27
C ILE A 552 7.28 -14.38 20.16
N ARG A 553 5.97 -14.58 20.47
CA ARG A 553 5.00 -15.03 19.47
C ARG A 553 4.48 -13.81 18.72
N HIS A 554 5.25 -13.35 17.74
CA HIS A 554 4.87 -12.21 16.91
C HIS A 554 3.67 -12.56 16.03
N PHE A 555 3.04 -11.56 15.39
CA PHE A 555 1.86 -11.82 14.59
C PHE A 555 2.15 -12.83 13.49
N ALA A 556 3.34 -12.76 12.88
CA ALA A 556 3.81 -13.55 11.74
C ALA A 556 4.48 -14.86 12.10
N GLY A 557 4.68 -15.11 13.39
CA GLY A 557 5.33 -16.31 13.88
C GLY A 557 6.27 -16.04 15.03
N ALA A 558 6.59 -17.09 15.78
CA ALA A 558 7.48 -17.12 16.94
C ALA A 558 8.91 -16.81 16.53
N VAL A 559 9.57 -15.94 17.28
CA VAL A 559 10.97 -15.53 16.99
C VAL A 559 11.74 -15.80 18.25
N CYS A 560 12.89 -16.46 18.10
CA CYS A 560 13.77 -16.73 19.22
C CYS A 560 14.85 -15.64 19.24
N TYR A 561 14.90 -14.89 20.31
CA TYR A 561 15.90 -13.84 20.46
C TYR A 561 17.00 -14.32 21.36
N GLU A 562 18.26 -14.09 20.95
CA GLU A 562 19.44 -14.35 21.77
C GLU A 562 19.67 -13.00 22.41
N THR A 563 19.66 -12.93 23.74
CA THR A 563 19.73 -11.66 24.48
C THR A 563 21.12 -11.17 24.84
N THR A 564 22.17 -11.90 24.39
CA THR A 564 23.55 -11.48 24.53
C THR A 564 23.71 -10.14 23.79
N GLN A 565 24.33 -9.17 24.45
CA GLN A 565 24.57 -7.82 23.91
C GLN A 565 23.33 -6.90 23.94
N PHE A 566 22.14 -7.37 24.42
CA PHE A 566 20.95 -6.50 24.54
C PHE A 566 21.25 -5.22 25.38
N VAL A 567 21.89 -5.38 26.55
CA VAL A 567 22.21 -4.28 27.46
C VAL A 567 23.16 -3.25 26.79
N GLU A 568 24.16 -3.75 26.08
CA GLU A 568 25.14 -2.94 25.33
C GLU A 568 24.44 -2.21 24.13
N LYS A 569 23.66 -2.94 23.35
CA LYS A 569 22.93 -2.39 22.20
C LYS A 569 21.82 -1.40 22.56
N ASN A 570 21.36 -1.43 23.81
CA ASN A 570 20.32 -0.53 24.28
C ASN A 570 20.91 0.83 24.71
N ASN A 571 22.24 0.94 24.79
CA ASN A 571 22.91 2.18 25.18
C ASN A 571 23.45 2.95 23.98
N ASP A 572 22.92 4.17 23.76
CA ASP A 572 23.32 5.04 22.66
C ASP A 572 24.34 6.08 23.13
N ALA A 573 24.48 6.22 24.47
CA ALA A 573 25.34 7.21 25.10
C ALA A 573 26.80 6.92 24.93
N LEU A 574 27.56 7.98 24.63
CA LEU A 574 29.01 7.96 24.46
C LEU A 574 29.62 8.32 25.80
N HIS A 575 30.69 7.62 26.20
CA HIS A 575 31.41 7.88 27.46
C HIS A 575 31.78 9.36 27.62
N MET A 576 31.60 9.91 28.85
CA MET A 576 31.87 11.31 29.19
C MET A 576 33.21 11.83 28.69
N SER A 577 34.28 11.01 28.77
CA SER A 577 35.61 11.39 28.29
C SER A 577 35.60 11.67 26.79
N LEU A 578 35.04 10.73 26.02
CA LEU A 578 34.95 10.81 24.56
C LEU A 578 34.03 11.93 24.12
N GLU A 579 32.88 12.11 24.82
CA GLU A 579 31.92 13.16 24.52
C GLU A 579 32.52 14.55 24.72
N SER A 580 33.15 14.80 25.89
CA SER A 580 33.81 16.08 26.22
C SER A 580 34.86 16.44 25.17
N LEU A 581 35.66 15.44 24.74
CA LEU A 581 36.70 15.58 23.71
C LEU A 581 36.12 16.16 22.42
N ILE A 582 35.14 15.45 21.83
CA ILE A 582 34.51 15.82 20.57
C ILE A 582 33.64 17.12 20.70
N CYS A 583 33.11 17.43 21.91
CA CYS A 583 32.33 18.64 22.17
C CYS A 583 33.20 19.90 22.17
N GLU A 584 34.43 19.78 22.71
CA GLU A 584 35.42 20.86 22.84
C GLU A 584 36.29 21.03 21.58
N SER A 585 35.88 20.42 20.45
CA SER A 585 36.56 20.46 19.15
C SER A 585 36.83 21.89 18.64
N ARG A 586 37.97 22.10 17.94
CA ARG A 586 38.35 23.39 17.35
C ARG A 586 37.40 23.76 16.22
N ASP A 587 36.78 22.75 15.56
CA ASP A 587 35.86 22.99 14.45
C ASP A 587 34.43 23.18 14.91
N LYS A 588 33.83 24.31 14.48
CA LYS A 588 32.47 24.74 14.78
C LYS A 588 31.46 23.68 14.32
N PHE A 589 31.67 23.15 13.09
CA PHE A 589 30.80 22.15 12.49
C PHE A 589 30.72 20.89 13.36
N ILE A 590 31.87 20.40 13.90
CA ILE A 590 31.92 19.25 14.79
C ILE A 590 31.24 19.59 16.13
N ARG A 591 31.50 20.78 16.68
CA ARG A 591 30.85 21.23 17.92
C ARG A 591 29.33 21.26 17.74
N GLU A 592 28.87 21.72 16.57
CA GLU A 592 27.45 21.86 16.22
C GLU A 592 26.75 20.50 16.06
N LEU A 593 27.50 19.40 15.82
CA LEU A 593 26.95 18.05 15.70
C LEU A 593 26.43 17.59 17.09
N PHE A 594 27.09 18.10 18.14
CA PHE A 594 26.81 17.81 19.54
C PHE A 594 26.20 19.01 20.27
N GLU A 595 25.84 20.11 19.53
CA GLU A 595 25.22 21.32 20.07
C GLU A 595 23.96 20.95 20.83
N SER A 596 23.19 19.99 20.27
CA SER A 596 21.98 19.41 20.83
C SER A 596 22.27 18.79 22.22
N SER A 597 23.26 17.87 22.26
CA SER A 597 23.71 17.15 23.45
C SER A 597 24.36 18.06 24.49
N LEU A 611 26.58 7.97 35.48
CA LEU A 611 26.10 6.98 34.49
C LEU A 611 25.71 7.63 33.16
N SER A 612 26.42 7.26 32.09
CA SER A 612 26.15 7.73 30.73
C SER A 612 25.26 6.68 30.07
N PHE A 613 23.95 6.95 30.02
CA PHE A 613 23.01 5.99 29.45
C PHE A 613 21.89 6.67 28.67
N ILE A 614 21.69 6.27 27.40
CA ILE A 614 20.61 6.72 26.53
C ILE A 614 19.98 5.47 25.98
N SER A 615 18.69 5.26 26.30
CA SER A 615 17.94 4.09 25.86
C SER A 615 17.59 4.12 24.37
N VAL A 616 18.09 3.11 23.61
CA VAL A 616 17.82 2.97 22.17
C VAL A 616 16.36 2.52 22.03
N GLY A 617 15.96 1.55 22.86
CA GLY A 617 14.60 1.02 22.88
C GLY A 617 13.56 2.07 23.20
N ASN A 618 13.76 2.84 24.29
CA ASN A 618 12.78 3.85 24.67
C ASN A 618 12.82 5.09 23.75
N LYS A 619 13.99 5.41 23.14
CA LYS A 619 14.04 6.49 22.15
C LYS A 619 13.14 6.08 20.95
N PHE A 620 13.25 4.81 20.49
CA PHE A 620 12.50 4.26 19.36
C PHE A 620 11.00 4.18 19.64
N LYS A 621 10.63 3.74 20.85
CA LYS A 621 9.25 3.70 21.32
C LYS A 621 8.60 5.08 21.16
N THR A 622 9.29 6.15 21.62
CA THR A 622 8.81 7.54 21.53
C THR A 622 8.62 7.93 20.06
N GLN A 623 9.65 7.72 19.21
CA GLN A 623 9.61 8.01 17.78
C GLN A 623 8.44 7.24 17.09
N LEU A 624 8.35 5.92 17.35
CA LEU A 624 7.29 5.06 16.83
C LEU A 624 5.90 5.52 17.28
N ASN A 625 5.76 5.96 18.56
CA ASN A 625 4.48 6.48 19.05
C ASN A 625 4.03 7.77 18.37
N LEU A 626 4.99 8.68 17.98
CA LEU A 626 4.69 9.91 17.26
C LEU A 626 4.33 9.53 15.82
N LEU A 627 4.99 8.52 15.24
CA LEU A 627 4.67 8.05 13.90
C LEU A 627 3.22 7.50 13.85
N LEU A 628 2.85 6.67 14.83
CA LEU A 628 1.48 6.15 14.89
C LEU A 628 0.44 7.20 15.13
N ASP A 629 0.77 8.25 15.92
CA ASP A 629 -0.13 9.39 16.14
C ASP A 629 -0.46 10.02 14.79
N LYS A 630 0.57 10.20 13.93
CA LYS A 630 0.45 10.76 12.58
C LYS A 630 -0.33 9.80 11.69
N LEU A 631 0.05 8.51 11.65
CA LEU A 631 -0.66 7.51 10.83
C LEU A 631 -2.17 7.41 11.17
N ARG A 632 -2.49 7.44 12.47
CA ARG A 632 -3.88 7.33 12.94
C ARG A 632 -4.78 8.51 12.54
N SER A 633 -4.21 9.67 12.21
CA SER A 633 -4.92 10.88 11.80
C SER A 633 -5.13 10.91 10.31
N THR A 634 -4.55 9.95 9.58
CA THR A 634 -4.66 9.85 8.13
C THR A 634 -5.59 8.78 7.60
N GLY A 635 -5.94 8.92 6.34
CA GLY A 635 -6.54 7.90 5.48
C GLY A 635 -5.34 7.10 4.97
N ALA A 636 -5.36 5.76 5.10
CA ALA A 636 -4.16 4.98 4.76
C ALA A 636 -4.29 4.07 3.56
N SER A 637 -3.18 3.94 2.82
CA SER A 637 -3.05 3.03 1.69
C SER A 637 -1.87 2.10 1.99
N PHE A 638 -1.96 0.85 1.51
CA PHE A 638 -0.92 -0.19 1.75
C PHE A 638 -0.35 -0.79 0.45
N ILE A 639 0.98 -0.85 0.38
CA ILE A 639 1.74 -1.45 -0.73
C ILE A 639 2.58 -2.60 -0.13
N ARG A 640 2.40 -3.85 -0.62
CA ARG A 640 3.12 -5.03 -0.13
C ARG A 640 4.13 -5.40 -1.14
N CYS A 641 5.39 -5.09 -0.85
CA CYS A 641 6.49 -5.40 -1.75
C CYS A 641 6.95 -6.81 -1.54
N ILE A 642 7.23 -7.51 -2.63
CA ILE A 642 7.62 -8.92 -2.60
C ILE A 642 8.91 -9.10 -3.37
N LYS A 643 9.89 -9.79 -2.74
CA LYS A 643 11.16 -10.19 -3.32
C LYS A 643 10.93 -11.61 -3.91
N PRO A 644 11.06 -11.74 -5.25
CA PRO A 644 10.75 -13.04 -5.91
C PRO A 644 11.74 -14.18 -5.71
N ASN A 645 13.01 -13.91 -5.45
CA ASN A 645 14.09 -14.89 -5.22
C ASN A 645 15.23 -14.25 -4.43
N LEU A 646 16.23 -15.06 -4.03
CA LEU A 646 17.37 -14.59 -3.25
C LEU A 646 18.61 -14.30 -4.09
N LYS A 647 18.45 -14.28 -5.42
CA LYS A 647 19.58 -14.14 -6.35
C LYS A 647 19.55 -12.87 -7.24
N MET A 648 18.61 -11.93 -7.00
CA MET A 648 18.49 -10.66 -7.77
C MET A 648 18.31 -10.90 -9.25
N THR A 649 17.59 -11.99 -9.58
CA THR A 649 17.34 -12.37 -10.97
C THR A 649 15.90 -12.07 -11.35
N SER A 650 15.71 -11.70 -12.60
CA SER A 650 14.43 -11.45 -13.21
C SER A 650 13.82 -12.81 -13.60
N HIS A 651 12.49 -12.89 -13.74
CA HIS A 651 11.75 -14.09 -14.16
C HIS A 651 12.10 -15.34 -13.36
N HIS A 652 12.19 -15.21 -12.07
CA HIS A 652 12.47 -16.32 -11.19
C HIS A 652 11.61 -16.26 -9.93
N PHE A 653 10.39 -16.79 -10.03
CA PHE A 653 9.36 -16.80 -8.98
C PHE A 653 9.53 -18.01 -8.08
N GLU A 654 9.97 -17.77 -6.85
CA GLU A 654 10.19 -18.78 -5.82
C GLU A 654 8.93 -18.83 -4.95
N GLY A 655 8.04 -19.75 -5.29
CA GLY A 655 6.72 -19.88 -4.67
C GLY A 655 6.68 -19.84 -3.16
N ALA A 656 7.42 -20.76 -2.49
CA ALA A 656 7.49 -20.88 -1.03
C ALA A 656 8.04 -19.60 -0.37
N GLN A 657 9.09 -18.99 -0.95
CA GLN A 657 9.66 -17.74 -0.44
C GLN A 657 8.62 -16.59 -0.50
N ILE A 658 7.92 -16.47 -1.62
CA ILE A 658 6.88 -15.46 -1.83
C ILE A 658 5.69 -15.72 -0.91
N LEU A 659 5.30 -17.00 -0.77
CA LEU A 659 4.18 -17.38 0.10
C LEU A 659 4.49 -17.02 1.56
N SER A 660 5.73 -17.28 1.97
CA SER A 660 6.23 -16.90 3.29
C SER A 660 6.14 -15.36 3.48
N GLN A 661 6.53 -14.56 2.46
CA GLN A 661 6.43 -13.10 2.50
C GLN A 661 4.98 -12.64 2.62
N LEU A 662 4.05 -13.25 1.87
CA LEU A 662 2.63 -12.90 1.97
C LEU A 662 2.11 -13.23 3.37
N GLN A 663 2.66 -14.26 4.03
CA GLN A 663 2.27 -14.61 5.41
C GLN A 663 2.80 -13.56 6.39
N CYS A 664 4.08 -13.22 6.30
CA CYS A 664 4.75 -12.23 7.16
C CYS A 664 4.35 -10.76 6.92
N SER A 665 3.61 -10.47 5.84
CA SER A 665 3.20 -9.10 5.55
C SER A 665 1.75 -8.88 5.97
N GLY A 666 1.16 -9.83 6.70
CA GLY A 666 -0.21 -9.76 7.16
C GLY A 666 -1.30 -10.03 6.14
N MET A 667 -0.94 -10.49 4.94
CA MET A 667 -1.91 -10.73 3.86
C MET A 667 -2.87 -11.88 4.09
N VAL A 668 -2.45 -12.93 4.78
CA VAL A 668 -3.36 -14.07 4.97
C VAL A 668 -4.47 -13.69 5.98
N SER A 669 -4.12 -12.90 7.01
CA SER A 669 -5.02 -12.30 8.00
C SER A 669 -6.09 -11.46 7.24
N VAL A 670 -5.64 -10.67 6.26
CA VAL A 670 -6.47 -9.86 5.37
C VAL A 670 -7.42 -10.72 4.55
N LEU A 671 -6.94 -11.85 4.04
CA LEU A 671 -7.79 -12.74 3.23
C LEU A 671 -8.88 -13.45 4.04
N ASP A 672 -8.60 -13.75 5.35
CA ASP A 672 -9.51 -14.37 6.30
C ASP A 672 -10.69 -13.45 6.58
N LEU A 673 -10.36 -12.16 6.84
CA LEU A 673 -11.24 -11.02 7.08
C LEU A 673 -12.24 -10.89 5.92
N MET A 674 -11.73 -10.88 4.66
CA MET A 674 -12.53 -10.79 3.43
C MET A 674 -13.37 -12.00 3.19
N GLN A 675 -12.86 -13.20 3.54
CA GLN A 675 -13.61 -14.47 3.42
C GLN A 675 -14.86 -14.50 4.30
N GLY A 676 -14.90 -13.66 5.32
CA GLY A 676 -16.04 -13.57 6.23
C GLY A 676 -17.30 -12.99 5.62
N GLY A 677 -17.20 -12.41 4.43
CA GLY A 677 -18.40 -11.81 3.84
C GLY A 677 -18.65 -12.01 2.37
N PHE A 678 -18.17 -11.08 1.57
CA PHE A 678 -18.35 -11.09 0.11
C PHE A 678 -16.98 -10.92 -0.53
N PRO A 679 -16.20 -12.03 -0.59
CA PRO A 679 -14.83 -11.95 -1.12
C PRO A 679 -14.77 -11.87 -2.65
N SER A 680 -15.86 -12.26 -3.35
CA SER A 680 -15.92 -12.20 -4.82
C SER A 680 -16.69 -10.96 -5.19
N ARG A 681 -16.06 -10.08 -6.01
CA ARG A 681 -16.63 -8.80 -6.42
C ARG A 681 -16.31 -8.60 -7.88
N ALA A 682 -17.36 -8.56 -8.70
CA ALA A 682 -17.19 -8.38 -10.14
C ALA A 682 -18.11 -7.26 -10.60
N SER A 683 -17.56 -6.31 -11.37
CA SER A 683 -18.37 -5.21 -11.91
C SER A 683 -19.33 -5.75 -13.00
N PHE A 684 -20.42 -5.02 -13.24
CA PHE A 684 -21.42 -5.37 -14.25
C PHE A 684 -20.78 -5.52 -15.62
N HIS A 685 -19.78 -4.65 -15.96
CA HIS A 685 -19.00 -4.71 -17.20
C HIS A 685 -18.22 -6.01 -17.28
N GLU A 686 -17.47 -6.37 -16.20
CA GLU A 686 -16.70 -7.61 -16.12
C GLU A 686 -17.59 -8.88 -16.35
N LEU A 687 -18.75 -8.98 -15.67
CA LEU A 687 -19.67 -10.11 -15.83
C LEU A 687 -20.29 -10.17 -17.23
N TYR A 688 -20.69 -9.01 -17.76
CA TYR A 688 -21.24 -8.87 -19.11
C TYR A 688 -20.25 -9.43 -20.14
N ASN A 689 -18.97 -9.03 -20.06
CA ASN A 689 -17.93 -9.49 -21.00
C ASN A 689 -17.62 -10.96 -20.84
N MET A 690 -17.67 -11.49 -19.61
CA MET A 690 -17.41 -12.89 -19.30
C MET A 690 -18.54 -13.81 -19.74
N TYR A 691 -19.80 -13.38 -19.59
CA TYR A 691 -20.96 -14.26 -19.74
C TYR A 691 -21.91 -13.96 -20.88
N LYS A 692 -21.71 -12.85 -21.63
CA LYS A 692 -22.59 -12.52 -22.76
C LYS A 692 -22.68 -13.64 -23.82
N LYS A 693 -21.57 -14.37 -24.07
CA LYS A 693 -21.48 -15.47 -25.03
C LYS A 693 -22.44 -16.62 -24.75
N TYR A 694 -22.72 -16.90 -23.47
CA TYR A 694 -23.61 -17.97 -23.03
C TYR A 694 -25.09 -17.61 -23.17
N MET A 695 -25.38 -16.35 -23.53
CA MET A 695 -26.74 -15.82 -23.59
C MET A 695 -27.23 -15.53 -25.00
N PRO A 696 -28.58 -15.44 -25.22
CA PRO A 696 -29.08 -15.03 -26.55
C PRO A 696 -28.64 -13.59 -26.89
N ASP A 697 -28.49 -13.28 -28.19
CA ASP A 697 -28.05 -11.99 -28.73
C ASP A 697 -28.90 -10.82 -28.27
N LYS A 698 -30.21 -11.04 -28.05
CA LYS A 698 -31.17 -10.04 -27.57
C LYS A 698 -30.72 -9.46 -26.20
N LEU A 699 -30.10 -10.33 -25.35
CA LEU A 699 -29.58 -9.99 -24.02
C LEU A 699 -28.20 -9.36 -24.14
N ALA A 700 -27.42 -9.80 -25.15
CA ALA A 700 -26.08 -9.29 -25.43
C ALA A 700 -26.11 -7.85 -25.93
N ARG A 701 -27.29 -7.35 -26.37
CA ARG A 701 -27.47 -5.98 -26.85
C ARG A 701 -27.70 -4.99 -25.69
N LEU A 702 -28.05 -5.51 -24.50
CA LEU A 702 -28.28 -4.69 -23.31
C LEU A 702 -26.97 -4.15 -22.78
N ASP A 703 -27.05 -3.04 -22.02
CA ASP A 703 -25.92 -2.44 -21.28
C ASP A 703 -25.55 -3.41 -20.13
N PRO A 704 -24.27 -3.46 -19.67
CA PRO A 704 -23.88 -4.42 -18.61
C PRO A 704 -24.78 -4.52 -17.36
N ARG A 705 -25.23 -3.37 -16.81
CA ARG A 705 -26.10 -3.32 -15.62
C ARG A 705 -27.43 -4.04 -15.86
N LEU A 706 -28.14 -3.69 -16.95
CA LEU A 706 -29.42 -4.33 -17.29
C LEU A 706 -29.22 -5.80 -17.68
N PHE A 707 -28.09 -6.13 -18.31
CA PHE A 707 -27.75 -7.52 -18.65
C PHE A 707 -27.67 -8.35 -17.35
N CYS A 708 -26.99 -7.80 -16.34
CA CYS A 708 -26.83 -8.44 -15.04
C CYS A 708 -28.15 -8.54 -14.28
N LYS A 709 -28.95 -7.45 -14.31
CA LYS A 709 -30.30 -7.37 -13.70
C LYS A 709 -31.16 -8.51 -14.28
N ALA A 710 -31.19 -8.65 -15.63
CA ALA A 710 -31.95 -9.66 -16.38
C ALA A 710 -31.51 -11.07 -16.04
N LEU A 711 -30.19 -11.29 -15.91
CA LEU A 711 -29.59 -12.59 -15.55
C LEU A 711 -30.03 -13.05 -14.16
N PHE A 712 -29.99 -12.16 -13.16
CA PHE A 712 -30.39 -12.45 -11.78
C PHE A 712 -31.87 -12.71 -11.61
N LYS A 713 -32.68 -12.03 -12.44
CA LYS A 713 -34.11 -12.22 -12.45
C LYS A 713 -34.39 -13.59 -13.09
N ALA A 714 -33.78 -13.88 -14.25
CA ALA A 714 -33.94 -15.14 -15.00
C ALA A 714 -33.49 -16.36 -14.20
N LEU A 715 -32.31 -16.29 -13.56
CA LEU A 715 -31.78 -17.40 -12.75
C LEU A 715 -32.46 -17.56 -11.39
N GLY A 716 -33.17 -16.52 -10.95
CA GLY A 716 -33.87 -16.49 -9.67
C GLY A 716 -32.92 -16.65 -8.50
N LEU A 717 -31.77 -15.97 -8.54
CA LEU A 717 -30.75 -16.05 -7.50
C LEU A 717 -31.15 -15.35 -6.21
N ASN A 718 -30.88 -15.98 -5.04
CA ASN A 718 -31.25 -15.42 -3.74
C ASN A 718 -30.35 -14.27 -3.30
N GLU A 719 -30.99 -13.20 -2.80
CA GLU A 719 -30.36 -11.95 -2.33
C GLU A 719 -29.48 -12.09 -1.08
N ILE A 720 -29.50 -13.26 -0.40
CA ILE A 720 -28.62 -13.50 0.76
C ILE A 720 -27.18 -13.67 0.21
N ASP A 721 -26.99 -14.64 -0.70
CA ASP A 721 -25.74 -15.07 -1.34
C ASP A 721 -25.17 -14.18 -2.44
N TYR A 722 -26.05 -13.45 -3.13
CA TYR A 722 -25.68 -12.58 -4.24
C TYR A 722 -26.22 -11.21 -3.95
N LYS A 723 -25.35 -10.22 -3.98
CA LYS A 723 -25.79 -8.86 -3.74
C LYS A 723 -25.52 -8.00 -4.94
N PHE A 724 -26.57 -7.37 -5.42
CA PHE A 724 -26.50 -6.48 -6.55
C PHE A 724 -26.23 -5.11 -5.95
N GLY A 725 -24.96 -4.72 -5.96
CA GLY A 725 -24.55 -3.47 -5.36
C GLY A 725 -24.71 -2.26 -6.25
N LEU A 726 -23.93 -1.23 -5.95
CA LEU A 726 -23.93 0.00 -6.71
C LEU A 726 -23.37 -0.15 -8.12
N THR A 727 -22.18 -0.75 -8.25
CA THR A 727 -21.44 -0.90 -9.53
C THR A 727 -20.95 -2.33 -9.76
N LYS A 728 -21.17 -3.20 -8.77
CA LYS A 728 -20.67 -4.57 -8.78
C LYS A 728 -21.65 -5.54 -8.20
N VAL A 729 -21.43 -6.83 -8.52
CA VAL A 729 -22.14 -7.94 -7.91
C VAL A 729 -21.18 -8.54 -6.87
N PHE A 730 -21.67 -8.71 -5.65
CA PHE A 730 -20.96 -9.23 -4.48
C PHE A 730 -21.43 -10.63 -4.24
N PHE A 731 -20.49 -11.58 -4.17
CA PHE A 731 -20.85 -12.98 -3.94
C PHE A 731 -20.28 -13.46 -2.64
N ARG A 732 -21.04 -14.28 -1.95
CA ARG A 732 -20.61 -14.94 -0.73
C ARG A 732 -19.65 -16.09 -1.11
N PRO A 733 -18.76 -16.59 -0.21
CA PRO A 733 -17.86 -17.70 -0.60
C PRO A 733 -18.54 -18.85 -1.39
N GLY A 734 -17.90 -19.28 -2.47
CA GLY A 734 -18.39 -20.36 -3.34
C GLY A 734 -19.53 -20.02 -4.29
N LYS A 735 -20.18 -18.85 -4.09
CA LYS A 735 -21.37 -18.45 -4.88
C LYS A 735 -21.06 -18.01 -6.31
N PHE A 736 -19.90 -17.35 -6.51
CA PHE A 736 -19.45 -16.97 -7.84
C PHE A 736 -19.15 -18.24 -8.66
N ALA A 737 -18.58 -19.27 -8.03
CA ALA A 737 -18.31 -20.57 -8.66
C ALA A 737 -19.63 -21.29 -9.05
N GLU A 738 -20.65 -21.24 -8.17
CA GLU A 738 -22.01 -21.78 -8.44
C GLU A 738 -22.60 -21.07 -9.66
N PHE A 739 -22.55 -19.71 -9.65
CA PHE A 739 -23.08 -18.88 -10.73
C PHE A 739 -22.38 -19.20 -12.04
N ASP A 740 -21.05 -19.34 -12.02
CA ASP A 740 -20.26 -19.68 -13.21
C ASP A 740 -20.68 -21.06 -13.76
N GLN A 741 -20.97 -22.03 -12.87
CA GLN A 741 -21.44 -23.37 -13.25
C GLN A 741 -22.80 -23.30 -13.95
N ILE A 742 -23.76 -22.49 -13.40
CA ILE A 742 -25.10 -22.28 -13.99
C ILE A 742 -25.00 -21.66 -15.39
N MET A 743 -24.09 -20.70 -15.57
CA MET A 743 -23.88 -20.03 -16.85
C MET A 743 -23.31 -20.98 -17.91
N LYS A 744 -22.49 -21.93 -17.48
CA LYS A 744 -21.84 -22.91 -18.36
C LYS A 744 -22.71 -24.16 -18.59
N SER A 745 -23.89 -24.23 -17.92
CA SER A 745 -24.86 -25.34 -18.06
C SER A 745 -25.68 -25.23 -19.38
N ASP A 746 -26.66 -26.14 -19.58
CA ASP A 746 -27.49 -26.30 -20.79
C ASP A 746 -27.93 -24.96 -21.47
N PRO A 747 -27.43 -24.70 -22.70
CA PRO A 747 -27.74 -23.43 -23.40
C PRO A 747 -29.22 -23.17 -23.67
N ASP A 748 -29.98 -24.20 -24.11
CA ASP A 748 -31.40 -24.12 -24.41
C ASP A 748 -32.25 -23.80 -23.15
N HIS A 749 -31.89 -24.39 -21.98
CA HIS A 749 -32.56 -24.14 -20.72
C HIS A 749 -32.34 -22.67 -20.26
N LEU A 750 -31.11 -22.15 -20.45
CA LEU A 750 -30.78 -20.78 -20.09
C LEU A 750 -31.63 -19.82 -20.89
N ALA A 751 -31.79 -20.10 -22.21
CA ALA A 751 -32.62 -19.34 -23.12
C ALA A 751 -34.10 -19.36 -22.68
N GLU A 752 -34.54 -20.51 -22.11
CA GLU A 752 -35.90 -20.65 -21.60
C GLU A 752 -36.11 -19.81 -20.35
N LEU A 753 -35.11 -19.77 -19.47
CA LEU A 753 -35.16 -18.96 -18.26
C LEU A 753 -35.30 -17.46 -18.59
N VAL A 754 -34.57 -17.01 -19.62
CA VAL A 754 -34.56 -15.67 -20.19
C VAL A 754 -35.92 -15.35 -20.85
N LYS A 755 -36.50 -16.32 -21.60
CA LYS A 755 -37.81 -16.16 -22.22
C LYS A 755 -38.88 -15.90 -21.17
N ARG A 756 -38.81 -16.60 -20.03
CA ARG A 756 -39.77 -16.49 -18.93
C ARG A 756 -39.86 -15.08 -18.31
N VAL A 757 -38.78 -14.27 -18.41
CA VAL A 757 -38.73 -12.91 -17.88
C VAL A 757 -38.81 -11.85 -19.01
N ASN A 758 -39.34 -12.23 -20.19
CA ASN A 758 -39.43 -11.33 -21.32
C ASN A 758 -40.26 -10.11 -21.07
N HIS A 759 -41.47 -10.28 -20.52
CA HIS A 759 -42.37 -9.17 -20.23
C HIS A 759 -41.72 -8.19 -19.27
N TRP A 760 -41.16 -8.72 -18.17
CA TRP A 760 -40.47 -7.94 -17.15
C TRP A 760 -39.30 -7.14 -17.78
N LEU A 761 -38.53 -7.77 -18.69
CA LEU A 761 -37.41 -7.12 -19.38
C LEU A 761 -37.86 -5.97 -20.30
N ILE A 762 -38.95 -6.19 -21.09
CA ILE A 762 -39.50 -5.16 -21.99
C ILE A 762 -39.97 -3.97 -21.16
N CYS A 763 -40.67 -4.25 -20.04
CA CYS A 763 -41.18 -3.21 -19.14
C CYS A 763 -40.03 -2.44 -18.49
N SER A 764 -38.97 -3.14 -18.13
CA SER A 764 -37.75 -2.56 -17.54
C SER A 764 -37.08 -1.58 -18.49
N ARG A 765 -36.90 -1.98 -19.78
CA ARG A 765 -36.32 -1.13 -20.85
C ARG A 765 -37.15 0.12 -21.08
N TRP A 766 -38.49 -0.01 -21.11
CA TRP A 766 -39.43 1.09 -21.30
C TRP A 766 -39.31 2.12 -20.15
N LYS A 767 -39.35 1.63 -18.91
CA LYS A 767 -39.29 2.46 -17.72
C LYS A 767 -37.96 3.21 -17.59
N LYS A 768 -36.85 2.56 -17.92
CA LYS A 768 -35.51 3.15 -17.94
C LYS A 768 -35.51 4.46 -18.79
N VAL A 769 -36.06 4.40 -20.02
CA VAL A 769 -36.09 5.54 -20.94
C VAL A 769 -37.20 6.52 -20.58
N GLN A 770 -38.35 6.05 -20.06
CA GLN A 770 -39.47 6.93 -19.67
C GLN A 770 -39.07 7.77 -18.44
N TRP A 771 -38.47 7.12 -17.42
CA TRP A 771 -38.01 7.78 -16.19
C TRP A 771 -36.82 8.69 -16.48
N CYS A 772 -35.97 8.31 -17.46
CA CYS A 772 -34.87 9.16 -17.91
C CYS A 772 -35.40 10.41 -18.58
N SER A 773 -36.49 10.29 -19.34
CA SER A 773 -37.14 11.44 -19.99
C SER A 773 -37.69 12.39 -18.90
N LEU A 774 -38.31 11.84 -17.86
CA LEU A 774 -38.80 12.62 -16.72
C LEU A 774 -37.62 13.31 -15.98
N SER A 775 -36.46 12.63 -15.85
CA SER A 775 -35.25 13.18 -15.23
C SER A 775 -34.80 14.45 -15.94
N VAL A 776 -34.67 14.37 -17.26
CA VAL A 776 -34.23 15.47 -18.13
C VAL A 776 -35.17 16.66 -18.00
N ILE A 777 -36.50 16.42 -17.97
CA ILE A 777 -37.53 17.46 -17.84
C ILE A 777 -37.44 18.12 -16.43
N LYS A 778 -37.29 17.30 -15.37
CA LYS A 778 -37.12 17.76 -13.98
C LYS A 778 -35.85 18.57 -13.86
N LEU A 779 -34.75 18.13 -14.50
CA LEU A 779 -33.47 18.83 -14.53
C LEU A 779 -33.56 20.15 -15.28
N LYS A 780 -34.37 20.19 -16.38
CA LYS A 780 -34.63 21.37 -17.20
C LYS A 780 -35.42 22.38 -16.36
N ASN A 781 -36.37 21.87 -15.56
CA ASN A 781 -37.20 22.70 -14.68
C ASN A 781 -36.41 23.27 -13.51
N LYS A 782 -35.40 22.52 -13.02
CA LYS A 782 -34.52 22.99 -11.96
C LYS A 782 -33.63 24.13 -12.48
N ILE A 783 -33.17 24.05 -13.76
CA ILE A 783 -32.39 25.13 -14.36
C ILE A 783 -33.25 26.40 -14.43
N LYS A 784 -34.52 26.27 -14.91
CA LYS A 784 -35.51 27.34 -15.02
C LYS A 784 -35.83 27.96 -13.64
N TYR A 785 -35.98 27.09 -12.60
CA TYR A 785 -36.25 27.42 -11.19
C TYR A 785 -35.16 28.33 -10.60
N ARG A 786 -33.88 27.95 -10.80
CA ARG A 786 -32.68 28.66 -10.33
C ARG A 786 -32.48 30.02 -11.03
N ALA A 787 -33.21 30.29 -12.13
CA ALA A 787 -33.15 31.54 -12.89
C ALA A 787 -34.35 32.44 -12.60
N ASP B 3 -34.18 9.93 -1.13
CA ASP B 3 -34.97 11.16 -1.07
C ASP B 3 -36.42 10.91 -0.57
N GLN B 4 -37.16 12.00 -0.19
CA GLN B 4 -38.57 11.93 0.25
C GLN B 4 -39.51 11.74 -1.00
N LEU B 5 -39.30 10.61 -1.71
CA LEU B 5 -40.05 10.09 -2.85
C LEU B 5 -40.52 8.70 -2.40
N THR B 6 -41.40 8.04 -3.18
CA THR B 6 -41.82 6.67 -2.85
C THR B 6 -40.67 5.73 -3.19
N GLU B 7 -40.54 4.60 -2.45
CA GLU B 7 -39.49 3.59 -2.66
C GLU B 7 -39.42 3.18 -4.17
N GLU B 8 -40.60 3.08 -4.79
CA GLU B 8 -40.82 2.70 -6.19
C GLU B 8 -40.34 3.78 -7.16
N GLN B 9 -40.49 5.06 -6.80
CA GLN B 9 -40.04 6.18 -7.62
C GLN B 9 -38.50 6.26 -7.63
N ILE B 10 -37.89 5.98 -6.44
CA ILE B 10 -36.43 5.94 -6.22
C ILE B 10 -35.86 4.80 -7.04
N ALA B 11 -36.53 3.61 -6.97
CA ALA B 11 -36.13 2.42 -7.73
C ALA B 11 -36.15 2.70 -9.24
N GLU B 12 -37.17 3.42 -9.75
CA GLU B 12 -37.28 3.74 -11.18
C GLU B 12 -36.25 4.77 -11.64
N PHE B 13 -35.98 5.78 -10.79
CA PHE B 13 -34.98 6.82 -11.06
C PHE B 13 -33.54 6.27 -10.96
N LYS B 14 -33.34 5.21 -10.14
CA LYS B 14 -32.03 4.56 -9.99
C LYS B 14 -31.66 3.91 -11.31
N GLU B 15 -32.65 3.31 -12.00
CA GLU B 15 -32.47 2.69 -13.32
C GLU B 15 -32.24 3.74 -14.41
N ALA B 16 -32.96 4.88 -14.34
CA ALA B 16 -32.81 6.03 -15.25
C ALA B 16 -31.38 6.64 -15.13
N PHE B 17 -30.83 6.70 -13.88
CA PHE B 17 -29.49 7.22 -13.57
C PHE B 17 -28.36 6.43 -14.25
N SER B 18 -28.58 5.13 -14.49
CA SER B 18 -27.63 4.28 -15.22
C SER B 18 -27.46 4.73 -16.71
N LEU B 19 -28.42 5.52 -17.25
CA LEU B 19 -28.31 6.07 -18.61
C LEU B 19 -27.37 7.26 -18.61
N PHE B 20 -27.25 7.95 -17.47
CA PHE B 20 -26.31 9.05 -17.29
C PHE B 20 -24.92 8.43 -16.98
N ASP B 21 -24.88 7.39 -16.14
CA ASP B 21 -23.66 6.69 -15.70
C ASP B 21 -23.34 5.48 -16.59
N LYS B 22 -23.01 5.74 -17.87
CA LYS B 22 -22.68 4.73 -18.90
C LYS B 22 -21.50 3.79 -18.50
N ASP B 23 -20.43 4.36 -17.92
CA ASP B 23 -19.25 3.64 -17.46
C ASP B 23 -19.52 2.89 -16.14
N GLY B 24 -20.46 3.42 -15.38
CA GLY B 24 -20.96 2.94 -14.07
C GLY B 24 -20.06 2.13 -13.17
N ASP B 25 -19.19 2.70 -12.27
CA ASP B 25 -18.71 4.03 -11.87
C ASP B 25 -19.42 4.63 -10.63
N GLY B 26 -20.74 4.78 -10.67
CA GLY B 26 -21.53 5.28 -9.54
C GLY B 26 -21.73 6.78 -9.42
N THR B 27 -21.00 7.55 -10.24
CA THR B 27 -21.07 9.01 -10.23
C THR B 27 -21.14 9.56 -11.64
N ILE B 28 -21.67 10.79 -11.76
CA ILE B 28 -21.78 11.54 -13.01
C ILE B 28 -21.28 12.97 -12.81
N THR B 29 -20.91 13.62 -13.92
CA THR B 29 -20.43 15.01 -13.93
C THR B 29 -21.34 15.78 -14.90
N THR B 30 -21.15 17.10 -15.01
CA THR B 30 -21.88 17.99 -15.92
C THR B 30 -21.84 17.45 -17.36
N LYS B 31 -20.73 16.75 -17.73
CA LYS B 31 -20.46 16.10 -19.02
C LYS B 31 -21.56 15.10 -19.39
N GLU B 32 -21.92 14.22 -18.44
CA GLU B 32 -22.95 13.18 -18.62
C GLU B 32 -24.36 13.79 -18.54
N LEU B 33 -24.56 14.82 -17.69
CA LEU B 33 -25.84 15.53 -17.56
C LEU B 33 -26.24 16.12 -18.92
N GLY B 34 -25.35 16.96 -19.46
CA GLY B 34 -25.53 17.62 -20.74
C GLY B 34 -25.76 16.68 -21.91
N THR B 35 -24.92 15.62 -22.00
CA THR B 35 -24.99 14.59 -23.05
C THR B 35 -26.39 14.01 -23.16
N VAL B 36 -26.92 13.52 -22.02
CA VAL B 36 -28.24 12.90 -21.89
C VAL B 36 -29.36 13.91 -22.13
N MET B 37 -29.23 15.13 -21.58
CA MET B 37 -30.23 16.20 -21.76
C MET B 37 -30.34 16.59 -23.24
N ARG B 38 -29.20 16.72 -23.96
CA ARG B 38 -29.15 17.01 -25.41
C ARG B 38 -29.89 15.93 -26.18
N SER B 39 -29.57 14.66 -25.87
CA SER B 39 -30.18 13.44 -26.43
C SER B 39 -31.70 13.46 -26.33
N LEU B 40 -32.27 14.17 -25.33
CA LEU B 40 -33.73 14.21 -25.15
C LEU B 40 -34.35 15.59 -25.40
N GLY B 41 -33.75 16.34 -26.31
CA GLY B 41 -34.25 17.64 -26.75
C GLY B 41 -33.95 18.85 -25.91
N GLN B 42 -33.19 18.69 -24.84
CA GLN B 42 -32.86 19.83 -23.99
C GLN B 42 -31.52 20.44 -24.39
N ASN B 43 -31.30 21.73 -24.09
CA ASN B 43 -30.05 22.37 -24.50
C ASN B 43 -29.48 23.29 -23.41
N PRO B 44 -29.04 22.75 -22.25
CA PRO B 44 -28.47 23.62 -21.21
C PRO B 44 -27.06 24.10 -21.56
N THR B 45 -26.67 25.23 -20.96
CA THR B 45 -25.33 25.82 -21.13
C THR B 45 -24.46 25.25 -20.02
N GLU B 46 -23.13 25.31 -20.19
CA GLU B 46 -22.18 24.83 -19.18
C GLU B 46 -22.26 25.63 -17.89
N ALA B 47 -22.73 26.89 -17.97
CA ALA B 47 -22.91 27.77 -16.80
C ALA B 47 -24.11 27.25 -16.00
N GLU B 48 -25.20 26.88 -16.69
CA GLU B 48 -26.43 26.35 -16.11
C GLU B 48 -26.18 25.04 -15.38
N LEU B 49 -25.45 24.11 -16.04
CA LEU B 49 -25.09 22.80 -15.51
C LEU B 49 -24.18 22.89 -14.29
N GLN B 50 -23.18 23.79 -14.36
CA GLN B 50 -22.21 24.06 -13.30
C GLN B 50 -22.90 24.68 -12.08
N ASP B 51 -23.91 25.54 -12.31
CA ASP B 51 -24.66 26.17 -11.22
C ASP B 51 -25.56 25.13 -10.52
N MET B 52 -26.20 24.28 -11.32
CA MET B 52 -27.08 23.23 -10.84
C MET B 52 -26.33 22.20 -9.99
N ILE B 53 -25.09 21.84 -10.40
CA ILE B 53 -24.27 20.83 -9.71
C ILE B 53 -23.71 21.38 -8.39
N ASN B 54 -23.51 22.72 -8.29
CA ASN B 54 -23.00 23.42 -7.11
C ASN B 54 -23.88 23.22 -5.87
N GLU B 55 -25.22 23.12 -6.09
CA GLU B 55 -26.22 22.93 -5.03
C GLU B 55 -26.09 21.58 -4.32
N VAL B 56 -25.70 20.52 -5.05
CA VAL B 56 -25.62 19.16 -4.52
C VAL B 56 -24.16 18.63 -4.37
N ASP B 57 -23.15 19.50 -4.46
CA ASP B 57 -21.76 19.05 -4.32
C ASP B 57 -20.95 19.93 -3.33
N ALA B 58 -21.02 19.57 -2.03
CA ALA B 58 -20.27 20.25 -0.95
C ALA B 58 -18.84 19.69 -0.97
N ASP B 59 -18.73 18.46 -1.54
CA ASP B 59 -17.56 17.63 -1.82
C ASP B 59 -16.55 18.40 -2.72
N GLY B 60 -17.08 19.14 -3.71
CA GLY B 60 -16.34 20.01 -4.62
C GLY B 60 -15.58 19.36 -5.76
N ASN B 61 -15.53 18.00 -5.81
CA ASN B 61 -14.79 17.26 -6.86
C ASN B 61 -15.45 17.28 -8.26
N GLY B 62 -16.61 17.95 -8.38
CA GLY B 62 -17.37 18.04 -9.61
C GLY B 62 -18.06 16.75 -10.01
N THR B 63 -18.38 15.88 -9.03
CA THR B 63 -19.09 14.63 -9.31
C THR B 63 -20.27 14.47 -8.38
N ILE B 64 -21.33 13.81 -8.86
CA ILE B 64 -22.53 13.52 -8.07
C ILE B 64 -22.97 12.07 -8.20
N ASP B 65 -23.47 11.51 -7.09
CA ASP B 65 -23.98 10.15 -7.00
C ASP B 65 -25.52 10.16 -7.12
N PHE B 66 -26.15 8.98 -7.03
CA PHE B 66 -27.60 8.86 -7.15
C PHE B 66 -28.39 9.71 -6.09
N PRO B 67 -28.09 9.69 -4.75
CA PRO B 67 -28.85 10.53 -3.81
C PRO B 67 -28.73 12.01 -4.11
N GLU B 68 -27.53 12.46 -4.58
CA GLU B 68 -27.27 13.85 -4.97
C GLU B 68 -28.04 14.20 -6.22
N PHE B 69 -28.18 13.23 -7.15
CA PHE B 69 -28.96 13.37 -8.38
C PHE B 69 -30.45 13.57 -8.04
N LEU B 70 -30.96 12.81 -7.04
CA LEU B 70 -32.34 12.92 -6.57
C LEU B 70 -32.63 14.33 -6.04
N THR B 71 -31.68 14.89 -5.23
CA THR B 71 -31.74 16.23 -4.63
C THR B 71 -31.76 17.31 -5.73
N MET B 72 -30.89 17.16 -6.76
CA MET B 72 -30.76 18.06 -7.92
C MET B 72 -32.08 18.18 -8.72
N MET B 73 -32.85 17.06 -8.82
CA MET B 73 -34.13 16.99 -9.54
C MET B 73 -35.28 17.59 -8.74
N ALA B 74 -35.12 17.66 -7.40
CA ALA B 74 -36.15 18.17 -6.48
C ALA B 74 -36.28 19.69 -6.52
N ARG B 75 -37.54 20.17 -6.45
CA ARG B 75 -37.91 21.60 -6.41
C ARG B 75 -39.32 21.78 -5.81
N LYS B 76 -39.66 23.01 -5.36
CA LYS B 76 -40.99 23.31 -4.82
C LYS B 76 -41.99 23.17 -5.99
N MET B 77 -42.91 22.20 -5.89
CA MET B 77 -43.85 21.89 -6.96
C MET B 77 -45.31 21.96 -6.55
N LYS B 78 -46.19 22.21 -7.54
CA LYS B 78 -47.64 22.23 -7.40
C LYS B 78 -48.20 20.90 -7.94
N ASP B 79 -49.48 20.62 -7.63
CA ASP B 79 -50.23 19.42 -8.07
C ASP B 79 -50.19 19.24 -9.59
N THR B 80 -50.48 20.34 -10.31
CA THR B 80 -50.53 20.43 -11.76
C THR B 80 -49.15 20.16 -12.40
N ASP B 81 -48.08 20.74 -11.82
CA ASP B 81 -46.69 20.64 -12.28
C ASP B 81 -46.20 19.21 -12.53
N SER B 82 -46.60 18.26 -11.67
CA SER B 82 -46.24 16.85 -11.77
C SER B 82 -46.78 16.19 -13.02
N GLU B 83 -48.09 16.39 -13.32
CA GLU B 83 -48.76 15.83 -14.50
C GLU B 83 -48.24 16.45 -15.80
N GLU B 84 -47.98 17.77 -15.79
CA GLU B 84 -47.44 18.53 -16.93
C GLU B 84 -46.09 17.92 -17.39
N GLU B 85 -45.29 17.45 -16.41
CA GLU B 85 -44.00 16.82 -16.65
C GLU B 85 -44.12 15.49 -17.38
N ILE B 86 -45.10 14.64 -16.98
CA ILE B 86 -45.36 13.33 -17.58
C ILE B 86 -45.86 13.51 -19.02
N ARG B 87 -46.70 14.54 -19.22
CA ARG B 87 -47.24 14.93 -20.53
C ARG B 87 -46.08 15.36 -21.42
N GLU B 88 -45.15 16.16 -20.87
CA GLU B 88 -43.94 16.64 -21.55
C GLU B 88 -43.01 15.47 -21.94
N ALA B 89 -42.92 14.46 -21.05
CA ALA B 89 -42.13 13.24 -21.25
C ALA B 89 -42.71 12.45 -22.39
N PHE B 90 -44.04 12.29 -22.43
CA PHE B 90 -44.71 11.59 -23.53
C PHE B 90 -44.46 12.29 -24.88
N ARG B 91 -44.46 13.65 -24.89
CA ARG B 91 -44.21 14.48 -26.09
C ARG B 91 -42.79 14.34 -26.61
N VAL B 92 -41.85 13.94 -25.72
CA VAL B 92 -40.48 13.64 -26.09
C VAL B 92 -40.53 12.40 -27.01
N PHE B 93 -41.41 11.44 -26.71
CA PHE B 93 -41.57 10.24 -27.52
C PHE B 93 -42.42 10.49 -28.75
N ASP B 94 -43.59 11.13 -28.57
CA ASP B 94 -44.54 11.47 -29.63
C ASP B 94 -44.02 12.71 -30.37
N LYS B 95 -42.98 12.52 -31.20
CA LYS B 95 -42.26 13.53 -31.96
C LYS B 95 -43.15 14.43 -32.82
N ASP B 96 -44.16 13.85 -33.52
CA ASP B 96 -45.05 14.61 -34.42
C ASP B 96 -46.28 15.19 -33.72
N GLY B 97 -46.44 14.84 -32.44
CA GLY B 97 -47.53 15.31 -31.59
C GLY B 97 -48.91 14.81 -32.00
N ASN B 98 -49.00 13.62 -32.62
CA ASN B 98 -50.29 13.10 -33.09
C ASN B 98 -51.06 12.27 -32.01
N GLY B 99 -50.48 12.20 -30.80
CA GLY B 99 -51.06 11.50 -29.67
C GLY B 99 -50.66 10.06 -29.53
N PHE B 100 -49.86 9.54 -30.48
CA PHE B 100 -49.41 8.16 -30.46
C PHE B 100 -47.93 8.04 -30.70
N ILE B 101 -47.27 7.16 -29.95
CA ILE B 101 -45.87 6.84 -30.14
C ILE B 101 -45.86 5.68 -31.11
N SER B 102 -45.21 5.89 -32.23
CA SER B 102 -45.05 4.90 -33.28
C SER B 102 -43.72 4.19 -33.00
N ALA B 103 -43.54 2.97 -33.60
CA ALA B 103 -42.29 2.20 -33.50
C ALA B 103 -41.09 3.08 -33.98
N ALA B 104 -41.26 3.82 -35.07
CA ALA B 104 -40.23 4.71 -35.61
C ALA B 104 -39.85 5.81 -34.61
N GLU B 105 -40.86 6.36 -33.89
CA GLU B 105 -40.64 7.40 -32.88
C GLU B 105 -39.89 6.86 -31.67
N LEU B 106 -40.25 5.63 -31.24
CA LEU B 106 -39.59 4.94 -30.14
C LEU B 106 -38.13 4.64 -30.48
N ARG B 107 -37.85 4.22 -31.71
CA ARG B 107 -36.50 3.94 -32.17
C ARG B 107 -35.58 5.18 -32.04
N HIS B 108 -36.09 6.36 -32.45
CA HIS B 108 -35.42 7.65 -32.37
C HIS B 108 -34.99 7.91 -30.93
N VAL B 109 -35.93 7.81 -29.98
CA VAL B 109 -35.67 7.99 -28.55
C VAL B 109 -34.60 6.99 -28.04
N MET B 110 -34.82 5.68 -28.30
CA MET B 110 -33.94 4.60 -27.88
C MET B 110 -32.49 4.79 -28.34
N THR B 111 -32.31 5.05 -29.63
CA THR B 111 -30.98 5.16 -30.21
C THR B 111 -30.31 6.49 -29.85
N ASN B 112 -31.10 7.56 -29.64
CA ASN B 112 -30.59 8.84 -29.16
C ASN B 112 -29.96 8.64 -27.78
N LEU B 113 -30.52 7.70 -27.00
CA LEU B 113 -30.04 7.31 -25.67
C LEU B 113 -28.96 6.22 -25.71
N GLY B 114 -28.57 5.77 -26.91
CA GLY B 114 -27.53 4.78 -27.07
C GLY B 114 -27.93 3.34 -26.77
N GLU B 115 -29.23 3.10 -26.63
CA GLU B 115 -29.79 1.77 -26.44
C GLU B 115 -29.64 1.02 -27.76
N LYS B 116 -29.13 -0.22 -27.68
CA LYS B 116 -28.90 -1.07 -28.85
C LYS B 116 -30.05 -2.05 -28.95
N LEU B 117 -30.70 -2.09 -30.11
CA LEU B 117 -31.84 -3.00 -30.35
C LEU B 117 -32.28 -3.03 -31.81
N THR B 118 -32.71 -4.21 -32.29
CA THR B 118 -33.18 -4.41 -33.68
C THR B 118 -34.55 -3.77 -33.83
N ASP B 119 -34.98 -3.60 -35.10
CA ASP B 119 -36.28 -3.04 -35.47
C ASP B 119 -37.41 -3.95 -34.99
N GLU B 120 -37.17 -5.27 -35.00
CA GLU B 120 -38.06 -6.29 -34.45
C GLU B 120 -38.30 -6.05 -32.95
N GLU B 121 -37.24 -5.75 -32.19
CA GLU B 121 -37.33 -5.50 -30.74
C GLU B 121 -38.10 -4.21 -30.41
N VAL B 122 -37.99 -3.18 -31.25
CA VAL B 122 -38.73 -1.92 -31.13
C VAL B 122 -40.22 -2.24 -31.33
N ASP B 123 -40.53 -3.09 -32.34
CA ASP B 123 -41.89 -3.52 -32.62
C ASP B 123 -42.43 -4.30 -31.40
N GLU B 124 -41.57 -5.09 -30.76
CA GLU B 124 -41.91 -5.88 -29.59
C GLU B 124 -42.25 -5.01 -28.38
N MET B 125 -41.48 -3.92 -28.16
CA MET B 125 -41.73 -2.98 -27.07
C MET B 125 -43.08 -2.28 -27.31
N ILE B 126 -43.34 -1.90 -28.57
CA ILE B 126 -44.60 -1.27 -28.94
C ILE B 126 -45.78 -2.20 -28.62
N ARG B 127 -45.71 -3.46 -29.07
CA ARG B 127 -46.73 -4.50 -28.88
C ARG B 127 -47.06 -4.69 -27.39
N GLU B 128 -46.03 -4.75 -26.53
CA GLU B 128 -46.17 -4.93 -25.07
C GLU B 128 -46.82 -3.76 -24.38
N SER B 129 -46.54 -2.54 -24.84
CA SER B 129 -47.12 -1.35 -24.23
C SER B 129 -48.54 -1.10 -24.76
N ASP B 130 -48.84 -1.63 -25.97
CA ASP B 130 -50.10 -1.49 -26.72
C ASP B 130 -51.26 -2.36 -26.24
N ILE B 131 -52.01 -1.85 -25.25
CA ILE B 131 -53.17 -2.48 -24.61
C ILE B 131 -54.36 -2.61 -25.58
N ASP B 132 -54.74 -1.52 -26.28
CA ASP B 132 -55.91 -1.52 -27.17
C ASP B 132 -55.66 -2.20 -28.55
N GLY B 133 -54.44 -2.67 -28.79
CA GLY B 133 -54.06 -3.38 -30.00
C GLY B 133 -54.05 -2.61 -31.31
N ASP B 134 -54.02 -1.26 -31.29
CA ASP B 134 -54.01 -0.47 -32.52
C ASP B 134 -52.59 -0.35 -33.18
N GLY B 135 -51.57 -0.96 -32.56
CA GLY B 135 -50.20 -0.98 -33.06
C GLY B 135 -49.34 0.22 -32.74
N GLN B 136 -49.77 1.03 -31.76
CA GLN B 136 -49.08 2.25 -31.32
C GLN B 136 -49.43 2.56 -29.87
N VAL B 137 -48.63 3.44 -29.23
CA VAL B 137 -48.77 3.75 -27.80
C VAL B 137 -49.32 5.14 -27.54
N ASN B 138 -50.47 5.23 -26.86
CA ASN B 138 -51.08 6.52 -26.51
C ASN B 138 -50.66 6.91 -25.09
N TYR B 139 -51.09 8.11 -24.63
CA TYR B 139 -50.75 8.65 -23.33
C TYR B 139 -51.10 7.71 -22.18
N GLU B 140 -52.34 7.16 -22.17
CA GLU B 140 -52.80 6.22 -21.14
C GLU B 140 -51.90 4.99 -21.04
N GLU B 141 -51.54 4.42 -22.21
CA GLU B 141 -50.66 3.25 -22.32
C GLU B 141 -49.23 3.56 -21.87
N PHE B 142 -48.70 4.74 -22.24
CA PHE B 142 -47.37 5.23 -21.82
C PHE B 142 -47.30 5.35 -20.27
N VAL B 143 -48.36 5.92 -19.66
CA VAL B 143 -48.49 6.12 -18.22
C VAL B 143 -48.64 4.77 -17.49
N THR B 144 -49.49 3.85 -18.02
CA THR B 144 -49.69 2.51 -17.46
C THR B 144 -48.35 1.75 -17.41
N MET B 145 -47.53 1.87 -18.48
CA MET B 145 -46.23 1.23 -18.60
C MET B 145 -45.20 1.82 -17.64
N MET B 146 -45.25 3.16 -17.47
CA MET B 146 -44.35 3.93 -16.60
C MET B 146 -44.44 3.51 -15.13
N THR B 147 -45.64 3.09 -14.68
CA THR B 147 -45.93 2.66 -13.30
C THR B 147 -46.19 1.13 -13.21
N SER B 148 -45.55 0.33 -14.09
CA SER B 148 -45.73 -1.13 -14.11
C SER B 148 -44.95 -1.85 -13.01
#